data_8T7O
#
_entry.id   8T7O
#
_cell.length_a   79.445
_cell.length_b   79.445
_cell.length_c   305.312
_cell.angle_alpha   90
_cell.angle_beta   90
_cell.angle_gamma   90
#
_symmetry.space_group_name_H-M   'P 43 21 2'
#
loop_
_entity.id
_entity.type
_entity.pdbx_description
1 polymer 'Isocitrate dehydrogenase [NADP] cytoplasmic'
2 non-polymer 'NADP NICOTINAMIDE-ADENINE-DINUCLEOTIDE PHOSPHATE'
3 non-polymer ivosidenib
4 water water
#
_entity_poly.entity_id   1
_entity_poly.type   'polypeptide(L)'
_entity_poly.pdbx_seq_one_letter_code
;MSKKISGGSVVEMQGDEMTRIIWELIKEKLIFPYVELDLHSYDLGIENRDATNDQVTKDAAEAIKKHNVGVKCATITPDE
KRVEEFKLKQMWKSPNGTIRNILGGTVFREAIICKNIPRLVSGWVKPIIIGHHAYGDQYRATDFVVPGPGKVEITYTPSD
GTQKVTYLVHNFEEGGGVAMGMYNQDKSIEDFAHSSFQMALSKGWPLYLSTKNTILKKYDGRFKDIFQEIYDKQYKSQFE
AQKIWYEHRLIDDMVAQAMKSEGGFIWACKNYDGDVQSDSVAQGYGSLGMMTSVLVCPDGKTVEAEAAHGTVTRHYRMYQ
KGQETSTNPIASIFAWTRGLAHRAKLDNNKELAFFANALEEVSIETIEAGFMTKDLAACIKGLPNVQRSDYLNTFEFMDK
LGENLKIKLAQAKLLEHHHHHHHH
;
_entity_poly.pdbx_strand_id   A,B
#
# COMPACT_ATOMS: atom_id res chain seq x y z
N LYS A 3 -22.65 -31.87 -27.42
CA LYS A 3 -21.22 -32.09 -27.67
C LYS A 3 -20.38 -31.12 -26.81
N LYS A 4 -19.21 -31.57 -26.33
CA LYS A 4 -18.36 -30.74 -25.50
C LYS A 4 -17.45 -29.87 -26.33
N ILE A 5 -16.93 -28.80 -25.74
CA ILE A 5 -16.02 -27.90 -26.43
C ILE A 5 -14.66 -28.57 -26.44
N SER A 6 -13.89 -28.43 -27.52
CA SER A 6 -12.54 -28.98 -27.57
C SER A 6 -11.71 -27.83 -27.06
N GLY A 7 -11.19 -27.94 -25.85
CA GLY A 7 -10.42 -26.89 -25.22
C GLY A 7 -8.96 -26.78 -25.61
N GLY A 8 -8.36 -27.87 -26.07
CA GLY A 8 -6.96 -27.85 -26.45
C GLY A 8 -6.04 -28.18 -25.29
N SER A 9 -4.76 -27.82 -25.40
CA SER A 9 -3.73 -28.17 -24.43
C SER A 9 -3.66 -27.30 -23.19
N VAL A 10 -3.86 -27.93 -22.03
CA VAL A 10 -3.77 -27.23 -20.75
C VAL A 10 -2.85 -28.04 -19.82
N VAL A 11 -1.96 -27.38 -19.08
CA VAL A 11 -1.13 -28.02 -18.08
C VAL A 11 -1.86 -27.77 -16.77
N GLU A 12 -2.13 -28.83 -16.03
CA GLU A 12 -2.82 -28.75 -14.77
C GLU A 12 -1.92 -29.30 -13.68
N MET A 13 -1.89 -28.63 -12.51
CA MET A 13 -1.09 -29.08 -11.39
C MET A 13 -2.00 -29.21 -10.19
N GLN A 14 -2.14 -30.45 -9.71
CA GLN A 14 -2.94 -30.82 -8.56
C GLN A 14 -2.13 -30.44 -7.31
N GLY A 15 -2.82 -30.14 -6.21
CA GLY A 15 -2.15 -29.68 -5.00
C GLY A 15 -2.49 -30.40 -3.74
N ASP A 16 -2.61 -29.64 -2.66
CA ASP A 16 -2.82 -30.17 -1.33
C ASP A 16 -4.02 -29.72 -0.52
N GLU A 17 -4.38 -30.56 0.45
CA GLU A 17 -5.37 -30.37 1.51
C GLU A 17 -6.75 -29.86 1.01
N MET A 18 -7.35 -28.80 1.61
CA MET A 18 -8.71 -28.38 1.20
C MET A 18 -8.83 -28.01 -0.28
N THR A 19 -7.85 -27.28 -0.79
CA THR A 19 -7.82 -26.88 -2.19
C THR A 19 -7.77 -28.08 -3.11
N ARG A 20 -7.11 -29.18 -2.71
CA ARG A 20 -7.08 -30.39 -3.53
C ARG A 20 -8.51 -30.96 -3.70
N ILE A 21 -9.31 -30.91 -2.62
CA ILE A 21 -10.70 -31.37 -2.57
C ILE A 21 -11.61 -30.56 -3.51
N ILE A 22 -11.60 -29.23 -3.39
CA ILE A 22 -12.46 -28.42 -4.21
C ILE A 22 -11.97 -28.40 -5.67
N TRP A 23 -10.63 -28.55 -5.92
CA TRP A 23 -10.05 -28.58 -7.27
C TRP A 23 -10.69 -29.72 -8.06
N GLU A 24 -10.92 -30.87 -7.40
CA GLU A 24 -11.57 -32.02 -8.00
C GLU A 24 -13.04 -31.76 -8.24
N LEU A 25 -13.73 -31.10 -7.31
CA LEU A 25 -15.15 -30.76 -7.48
C LEU A 25 -15.32 -29.80 -8.67
N ILE A 26 -14.40 -28.84 -8.87
CA ILE A 26 -14.43 -27.90 -9.97
C ILE A 26 -14.29 -28.64 -11.32
N LYS A 27 -13.39 -29.59 -11.40
CA LYS A 27 -13.16 -30.35 -12.59
C LYS A 27 -14.36 -31.23 -12.88
N GLU A 28 -14.82 -31.98 -11.88
CA GLU A 28 -15.96 -32.88 -11.97
C GLU A 28 -17.28 -32.19 -12.32
N LYS A 29 -17.62 -31.09 -11.63
CA LYS A 29 -18.89 -30.38 -11.80
C LYS A 29 -18.91 -29.21 -12.76
N LEU A 30 -17.82 -28.44 -12.88
CA LEU A 30 -17.83 -27.24 -13.70
C LEU A 30 -17.06 -27.28 -15.02
N ILE A 31 -15.94 -27.99 -15.07
CA ILE A 31 -15.12 -28.02 -16.28
C ILE A 31 -15.41 -29.22 -17.21
N PHE A 32 -15.17 -30.47 -16.75
CA PHE A 32 -15.29 -31.69 -17.53
C PHE A 32 -16.66 -31.91 -18.15
N PRO A 33 -17.83 -31.61 -17.52
CA PRO A 33 -19.10 -31.83 -18.26
C PRO A 33 -19.27 -30.93 -19.49
N TYR A 34 -18.41 -29.91 -19.70
CA TYR A 34 -18.55 -28.98 -20.82
C TYR A 34 -17.33 -28.86 -21.74
N VAL A 35 -16.12 -29.15 -21.22
CA VAL A 35 -14.90 -29.00 -22.01
C VAL A 35 -14.06 -30.27 -22.00
N GLU A 36 -13.54 -30.65 -23.17
CA GLU A 36 -12.64 -31.78 -23.36
C GLU A 36 -11.28 -31.15 -23.54
N LEU A 37 -10.29 -31.60 -22.79
CA LEU A 37 -8.96 -31.04 -22.89
C LEU A 37 -7.88 -32.07 -23.17
N ASP A 38 -6.79 -31.64 -23.81
CA ASP A 38 -5.63 -32.49 -24.00
C ASP A 38 -4.90 -32.10 -22.73
N LEU A 39 -5.21 -32.77 -21.66
CA LEU A 39 -4.75 -32.47 -20.34
C LEU A 39 -3.40 -33.05 -19.93
N HIS A 40 -2.47 -32.17 -19.57
CA HIS A 40 -1.14 -32.58 -19.12
C HIS A 40 -1.21 -32.34 -17.61
N SER A 41 -1.50 -33.38 -16.81
CA SER A 41 -1.64 -33.25 -15.37
C SER A 41 -0.42 -33.71 -14.61
N TYR A 42 0.00 -32.89 -13.67
CA TYR A 42 1.16 -33.15 -12.81
C TYR A 42 0.66 -33.10 -11.39
N ASP A 43 0.94 -34.14 -10.62
CA ASP A 43 0.48 -34.19 -9.25
C ASP A 43 1.50 -33.50 -8.34
N LEU A 44 1.23 -32.24 -7.95
CA LEU A 44 2.12 -31.52 -7.04
C LEU A 44 1.70 -31.68 -5.57
N GLY A 45 1.08 -32.82 -5.25
CA GLY A 45 0.73 -33.15 -3.86
C GLY A 45 2.05 -33.34 -3.11
N ILE A 46 2.11 -32.95 -1.83
CA ILE A 46 3.34 -32.98 -1.03
C ILE A 46 3.98 -34.34 -1.02
N GLU A 47 3.16 -35.41 -0.94
CA GLU A 47 3.64 -36.79 -0.95
C GLU A 47 4.27 -37.16 -2.27
N ASN A 48 3.71 -36.66 -3.39
CA ASN A 48 4.28 -36.99 -4.70
C ASN A 48 5.55 -36.25 -4.96
N ARG A 49 5.64 -34.98 -4.52
CA ARG A 49 6.85 -34.20 -4.69
C ARG A 49 8.00 -34.86 -3.89
N ASP A 50 7.69 -35.45 -2.72
CA ASP A 50 8.68 -36.11 -1.91
C ASP A 50 9.12 -37.40 -2.56
N ALA A 51 8.17 -38.21 -3.04
CA ALA A 51 8.49 -39.47 -3.69
C ALA A 51 9.25 -39.29 -5.02
N THR A 52 9.07 -38.15 -5.71
CA THR A 52 9.79 -37.91 -6.98
C THR A 52 11.04 -37.03 -6.81
N ASN A 53 11.37 -36.62 -5.56
CA ASN A 53 12.48 -35.74 -5.25
C ASN A 53 12.34 -34.40 -5.94
N ASP A 54 11.09 -33.89 -5.96
CA ASP A 54 10.64 -32.61 -6.56
C ASP A 54 10.80 -32.56 -8.09
N GLN A 55 10.94 -33.71 -8.73
CA GLN A 55 11.08 -33.78 -10.18
C GLN A 55 9.76 -33.46 -10.87
N VAL A 56 8.61 -33.81 -10.24
CA VAL A 56 7.28 -33.49 -10.79
C VAL A 56 7.12 -31.99 -11.00
N THR A 57 7.60 -31.18 -10.03
CA THR A 57 7.55 -29.71 -10.09
C THR A 57 8.31 -29.15 -11.29
N LYS A 58 9.53 -29.64 -11.53
CA LYS A 58 10.35 -29.21 -12.66
C LYS A 58 9.71 -29.63 -13.98
N ASP A 59 9.13 -30.84 -14.03
CA ASP A 59 8.47 -31.33 -15.24
C ASP A 59 7.24 -30.50 -15.55
N ALA A 60 6.44 -30.15 -14.50
CA ALA A 60 5.25 -29.31 -14.69
C ALA A 60 5.64 -27.97 -15.29
N ALA A 61 6.73 -27.34 -14.80
CA ALA A 61 7.23 -26.07 -15.30
C ALA A 61 7.65 -26.17 -16.79
N GLU A 62 8.33 -27.27 -17.17
CA GLU A 62 8.72 -27.47 -18.58
C GLU A 62 7.47 -27.69 -19.46
N ALA A 63 6.42 -28.35 -18.92
CA ALA A 63 5.19 -28.56 -19.67
C ALA A 63 4.47 -27.22 -19.90
N ILE A 64 4.53 -26.29 -18.92
CA ILE A 64 3.90 -24.98 -19.10
C ILE A 64 4.67 -24.22 -20.17
N LYS A 65 6.00 -24.30 -20.17
CA LYS A 65 6.81 -23.65 -21.19
C LYS A 65 6.44 -24.15 -22.59
N LYS A 66 6.19 -25.47 -22.72
CA LYS A 66 5.86 -26.07 -24.01
C LYS A 66 4.42 -25.81 -24.47
N HIS A 67 3.45 -25.93 -23.55
CA HIS A 67 2.03 -25.79 -23.90
C HIS A 67 1.41 -24.44 -23.63
N ASN A 68 2.16 -23.51 -23.00
CA ASN A 68 1.82 -22.11 -22.72
C ASN A 68 0.72 -21.81 -21.72
N VAL A 69 -0.09 -22.80 -21.32
CA VAL A 69 -1.17 -22.55 -20.38
C VAL A 69 -1.06 -23.47 -19.17
N GLY A 70 -0.92 -22.88 -17.99
CA GLY A 70 -0.87 -23.64 -16.75
C GLY A 70 -1.94 -23.22 -15.76
N VAL A 71 -2.56 -24.20 -15.10
CA VAL A 71 -3.57 -23.98 -14.07
C VAL A 71 -3.09 -24.73 -12.83
N LYS A 72 -2.78 -23.99 -11.76
CA LYS A 72 -2.24 -24.61 -10.55
C LYS A 72 -3.11 -24.50 -9.27
N CYS A 73 -3.29 -25.65 -8.59
CA CYS A 73 -3.98 -25.80 -7.30
C CYS A 73 -2.97 -25.40 -6.20
N ALA A 74 -3.45 -24.88 -5.06
CA ALA A 74 -2.55 -24.52 -3.96
C ALA A 74 -1.80 -25.73 -3.42
N THR A 75 -0.54 -25.53 -3.10
CA THR A 75 0.37 -26.54 -2.57
C THR A 75 1.00 -26.15 -1.23
N ILE A 76 1.40 -27.15 -0.44
CA ILE A 76 2.05 -26.94 0.85
C ILE A 76 3.51 -26.57 0.61
N THR A 77 3.96 -25.42 1.14
CA THR A 77 5.38 -25.09 1.06
C THR A 77 5.93 -25.69 2.38
N PRO A 78 6.86 -26.65 2.27
CA PRO A 78 7.37 -27.30 3.48
C PRO A 78 8.15 -26.41 4.43
N ASP A 79 7.98 -26.68 5.73
CA ASP A 79 8.63 -26.08 6.87
C ASP A 79 8.93 -27.23 7.86
N GLU A 80 9.51 -26.94 9.04
CA GLU A 80 9.84 -27.99 10.00
C GLU A 80 8.65 -28.85 10.41
N LYS A 81 7.48 -28.23 10.63
CA LYS A 81 6.30 -29.01 11.03
C LYS A 81 5.83 -29.95 9.93
N ARG A 82 5.96 -29.52 8.67
CA ARG A 82 5.58 -30.31 7.51
C ARG A 82 6.56 -31.45 7.31
N VAL A 83 7.86 -31.18 7.49
CA VAL A 83 8.91 -32.21 7.40
C VAL A 83 8.61 -33.31 8.44
N GLU A 84 8.10 -32.95 9.64
CA GLU A 84 7.74 -33.94 10.64
C GLU A 84 6.44 -34.66 10.26
N GLU A 85 5.38 -33.89 9.95
CA GLU A 85 4.05 -34.38 9.60
C GLU A 85 4.09 -35.41 8.47
N PHE A 86 4.83 -35.10 7.40
CA PHE A 86 4.92 -35.99 6.27
C PHE A 86 6.16 -36.85 6.22
N LYS A 87 7.10 -36.70 7.20
CA LYS A 87 8.37 -37.43 7.23
C LYS A 87 9.10 -37.22 5.91
N LEU A 88 9.25 -35.93 5.54
CA LEU A 88 9.88 -35.53 4.29
C LEU A 88 11.38 -35.80 4.27
N LYS A 89 11.92 -36.00 3.07
CA LYS A 89 13.35 -36.26 2.86
C LYS A 89 14.18 -35.00 2.99
N GLN A 90 13.64 -33.88 2.54
CA GLN A 90 14.28 -32.57 2.55
C GLN A 90 13.20 -31.51 2.74
N MET A 91 13.60 -30.26 3.09
CA MET A 91 12.61 -29.19 3.20
C MET A 91 12.51 -28.64 1.78
N TRP A 92 11.66 -29.29 0.95
CA TRP A 92 11.53 -28.91 -0.46
C TRP A 92 11.15 -27.46 -0.64
N LYS A 93 11.69 -26.83 -1.68
CA LYS A 93 11.41 -25.44 -1.97
C LYS A 93 9.95 -25.26 -2.44
N SER A 94 9.46 -24.02 -2.41
CA SER A 94 8.12 -23.69 -2.84
C SER A 94 7.96 -24.03 -4.33
N PRO A 95 6.92 -24.81 -4.68
CA PRO A 95 6.69 -25.13 -6.10
C PRO A 95 6.55 -23.89 -6.99
N ASN A 96 5.93 -22.83 -6.46
CA ASN A 96 5.76 -21.55 -7.15
C ASN A 96 7.10 -20.92 -7.44
N GLY A 97 8.05 -21.01 -6.49
CA GLY A 97 9.40 -20.48 -6.65
C GLY A 97 10.17 -21.22 -7.73
N THR A 98 10.05 -22.55 -7.78
CA THR A 98 10.69 -23.37 -8.80
C THR A 98 10.08 -23.08 -10.17
N ILE A 99 8.73 -23.00 -10.27
CA ILE A 99 8.07 -22.75 -11.54
C ILE A 99 8.40 -21.35 -12.06
N ARG A 100 8.35 -20.35 -11.17
CA ARG A 100 8.65 -18.96 -11.51
C ARG A 100 10.06 -18.79 -12.00
N ASN A 101 11.02 -19.48 -11.39
CA ASN A 101 12.41 -19.38 -11.83
C ASN A 101 12.58 -19.90 -13.25
N ILE A 102 11.89 -21.00 -13.59
CA ILE A 102 12.02 -21.58 -14.93
C ILE A 102 11.32 -20.76 -16.03
N LEU A 103 10.10 -20.29 -15.76
CA LEU A 103 9.34 -19.55 -16.75
C LEU A 103 9.63 -18.06 -16.82
N GLY A 104 10.00 -17.47 -15.70
CA GLY A 104 10.16 -16.03 -15.63
C GLY A 104 8.77 -15.41 -15.60
N GLY A 105 8.69 -14.10 -15.85
CA GLY A 105 7.41 -13.40 -15.86
C GLY A 105 7.09 -12.50 -14.67
N THR A 106 5.95 -11.81 -14.77
CA THR A 106 5.46 -10.92 -13.74
C THR A 106 4.13 -11.47 -13.21
N VAL A 107 3.96 -11.48 -11.90
CA VAL A 107 2.77 -11.95 -11.23
C VAL A 107 1.76 -10.83 -11.09
N PHE A 108 0.53 -11.04 -11.54
CA PHE A 108 -0.54 -10.06 -11.44
C PHE A 108 -1.59 -10.60 -10.51
N ARG A 109 -2.01 -9.80 -9.54
CA ARG A 109 -3.04 -10.23 -8.60
C ARG A 109 -4.32 -9.50 -8.89
N GLU A 110 -5.43 -10.25 -9.05
CA GLU A 110 -6.71 -9.60 -9.36
C GLU A 110 -7.85 -10.12 -8.52
N ALA A 111 -8.64 -9.21 -8.00
CA ALA A 111 -9.78 -9.55 -7.18
C ALA A 111 -10.99 -10.04 -8.03
N ILE A 112 -12.02 -10.58 -7.37
CA ILE A 112 -13.26 -10.95 -8.01
C ILE A 112 -14.22 -10.04 -7.25
N ILE A 113 -14.83 -9.07 -7.94
CA ILE A 113 -15.77 -8.14 -7.33
C ILE A 113 -17.19 -8.70 -7.32
N CYS A 114 -17.87 -8.54 -6.19
CA CYS A 114 -19.25 -8.90 -6.01
C CYS A 114 -19.87 -7.67 -5.35
N LYS A 115 -20.94 -7.12 -5.92
CA LYS A 115 -21.60 -5.90 -5.44
C LYS A 115 -21.98 -5.94 -3.97
N ASN A 116 -22.52 -7.06 -3.50
CA ASN A 116 -22.94 -7.21 -2.10
C ASN A 116 -21.79 -7.55 -1.12
N ILE A 117 -20.55 -7.68 -1.62
CA ILE A 117 -19.40 -8.00 -0.79
C ILE A 117 -18.52 -6.75 -0.63
N PRO A 118 -18.29 -6.29 0.62
CA PRO A 118 -17.49 -5.08 0.83
C PRO A 118 -16.01 -5.16 0.48
N ARG A 119 -15.49 -4.08 -0.10
CA ARG A 119 -14.08 -3.91 -0.45
C ARG A 119 -13.48 -2.69 0.30
N LEU A 120 -12.15 -2.54 0.25
CA LEU A 120 -11.41 -1.47 0.89
C LEU A 120 -11.99 -0.08 0.57
N VAL A 121 -12.28 0.17 -0.71
CA VAL A 121 -12.88 1.39 -1.20
C VAL A 121 -14.20 1.00 -1.88
N SER A 122 -15.33 1.51 -1.35
CA SER A 122 -16.67 1.21 -1.86
C SER A 122 -16.89 1.56 -3.34
N GLY A 123 -16.27 2.64 -3.79
CA GLY A 123 -16.38 3.08 -5.17
C GLY A 123 -15.76 2.14 -6.19
N TRP A 124 -14.99 1.14 -5.73
CA TRP A 124 -14.36 0.17 -6.64
C TRP A 124 -15.42 -0.77 -7.17
N VAL A 125 -15.60 -0.77 -8.50
CA VAL A 125 -16.56 -1.64 -9.15
C VAL A 125 -15.84 -2.65 -10.06
N LYS A 126 -14.73 -2.22 -10.67
CA LYS A 126 -13.86 -3.03 -11.52
C LYS A 126 -12.59 -3.27 -10.68
N PRO A 127 -11.97 -4.45 -10.78
CA PRO A 127 -10.76 -4.71 -9.96
C PRO A 127 -9.54 -3.93 -10.39
N ILE A 128 -8.57 -3.84 -9.50
CA ILE A 128 -7.31 -3.16 -9.78
C ILE A 128 -6.30 -4.31 -9.83
N ILE A 129 -5.60 -4.46 -10.95
CA ILE A 129 -4.65 -5.55 -11.10
C ILE A 129 -3.23 -5.07 -10.79
N ILE A 130 -2.63 -5.52 -9.69
CA ILE A 130 -1.27 -5.09 -9.34
C ILE A 130 -0.25 -6.16 -9.70
N GLY A 131 0.86 -5.72 -10.27
CA GLY A 131 1.92 -6.63 -10.66
C GLY A 131 3.28 -6.33 -10.06
N HIS A 132 4.08 -7.39 -9.87
CA HIS A 132 5.45 -7.35 -9.35
C HIS A 132 6.25 -8.35 -10.20
N HIS A 133 7.38 -7.91 -10.76
CA HIS A 133 8.23 -8.81 -11.56
C HIS A 133 8.93 -9.85 -10.67
N TYR A 139 17.02 -11.82 -0.51
CA TYR A 139 16.78 -12.02 -1.94
C TYR A 139 18.01 -11.55 -2.80
N ARG A 140 17.80 -10.72 -3.82
CA ARG A 140 18.88 -10.26 -4.66
C ARG A 140 19.71 -9.14 -3.99
N ALA A 141 19.23 -8.52 -2.88
CA ALA A 141 19.93 -7.45 -2.17
C ALA A 141 21.13 -7.95 -1.36
N THR A 142 22.15 -7.11 -1.26
CA THR A 142 23.38 -7.43 -0.54
C THR A 142 23.46 -6.48 0.64
N ASP A 143 22.97 -6.90 1.79
CA ASP A 143 22.98 -6.05 2.98
C ASP A 143 23.96 -6.55 4.03
N PHE A 144 24.48 -5.62 4.85
CA PHE A 144 25.46 -5.96 5.88
C PHE A 144 25.50 -4.87 6.93
N VAL A 145 25.96 -5.20 8.15
CA VAL A 145 26.09 -4.17 9.18
C VAL A 145 27.47 -3.51 9.07
N VAL A 146 27.51 -2.21 9.31
CA VAL A 146 28.71 -1.39 9.35
C VAL A 146 28.98 -1.32 10.87
N PRO A 147 29.96 -2.10 11.36
CA PRO A 147 30.19 -2.16 12.81
C PRO A 147 30.75 -0.90 13.48
N GLY A 148 31.47 -0.08 12.74
CA GLY A 148 32.07 1.13 13.28
C GLY A 148 32.39 2.15 12.23
N PRO A 149 33.06 3.26 12.59
CA PRO A 149 33.36 4.29 11.60
C PRO A 149 34.17 3.79 10.42
N GLY A 150 33.94 4.39 9.26
CA GLY A 150 34.64 4.00 8.05
C GLY A 150 33.84 4.30 6.81
N LYS A 151 34.39 3.99 5.65
CA LYS A 151 33.77 4.28 4.37
C LYS A 151 33.07 3.09 3.66
N VAL A 152 31.86 3.34 3.13
CA VAL A 152 31.11 2.35 2.35
C VAL A 152 31.08 2.91 0.91
N GLU A 153 31.58 2.13 -0.04
CA GLU A 153 31.65 2.53 -1.44
C GLU A 153 31.07 1.46 -2.33
N ILE A 154 30.47 1.86 -3.44
CA ILE A 154 29.91 0.94 -4.41
C ILE A 154 30.72 1.15 -5.71
N THR A 155 31.13 0.06 -6.33
CA THR A 155 32.02 0.12 -7.47
C THR A 155 31.55 -0.71 -8.68
N TYR A 156 31.73 -0.15 -9.87
CA TYR A 156 31.37 -0.82 -11.11
C TYR A 156 32.68 -1.08 -11.86
N THR A 157 32.98 -2.36 -12.14
CA THR A 157 34.18 -2.71 -12.87
C THR A 157 33.75 -3.32 -14.19
N PRO A 158 33.90 -2.59 -15.30
CA PRO A 158 33.48 -3.14 -16.61
C PRO A 158 34.28 -4.40 -16.97
N SER A 159 33.61 -5.45 -17.52
CA SER A 159 34.38 -6.64 -17.91
C SER A 159 35.21 -6.42 -19.18
N ASP A 160 34.97 -5.33 -19.94
CA ASP A 160 35.76 -5.06 -21.13
C ASP A 160 37.09 -4.35 -20.85
N GLY A 161 37.51 -4.32 -19.60
CA GLY A 161 38.78 -3.73 -19.23
C GLY A 161 38.79 -2.23 -19.14
N THR A 162 37.66 -1.56 -19.42
CA THR A 162 37.64 -0.09 -19.31
C THR A 162 37.65 0.32 -17.82
N GLN A 163 37.94 1.58 -17.54
CA GLN A 163 38.08 2.11 -16.18
C GLN A 163 36.87 1.83 -15.25
N LYS A 164 37.23 1.38 -14.06
CA LYS A 164 36.39 1.08 -12.93
C LYS A 164 35.85 2.42 -12.40
N VAL A 165 34.55 2.48 -12.06
CA VAL A 165 33.91 3.68 -11.54
C VAL A 165 33.53 3.42 -10.09
N THR A 166 33.88 4.33 -9.18
CA THR A 166 33.58 4.19 -7.76
C THR A 166 32.67 5.30 -7.29
N TYR A 167 31.66 4.96 -6.47
CA TYR A 167 30.71 5.91 -5.90
C TYR A 167 30.74 5.78 -4.38
N LEU A 168 30.77 6.91 -3.70
CA LEU A 168 30.76 6.93 -2.25
C LEU A 168 29.31 6.76 -1.81
N VAL A 169 29.06 5.80 -0.93
CA VAL A 169 27.71 5.59 -0.40
C VAL A 169 27.60 6.45 0.87
N HIS A 170 28.60 6.35 1.75
CA HIS A 170 28.62 7.07 2.98
C HIS A 170 29.90 6.91 3.79
N ASN A 171 30.34 8.03 4.38
CA ASN A 171 31.46 8.09 5.28
C ASN A 171 30.81 8.06 6.66
N PHE A 172 30.90 6.94 7.38
CA PHE A 172 30.37 6.86 8.73
C PHE A 172 31.46 7.50 9.62
N GLU A 173 31.34 8.80 9.95
CA GLU A 173 32.36 9.48 10.78
C GLU A 173 32.36 9.02 12.25
N GLU A 174 31.18 8.79 12.82
CA GLU A 174 31.04 8.32 14.20
C GLU A 174 30.06 7.16 14.22
N GLY A 175 30.30 6.16 15.06
CA GLY A 175 29.42 5.02 15.18
C GLY A 175 29.23 4.20 13.91
N GLY A 176 28.36 3.22 13.97
CA GLY A 176 28.09 2.37 12.84
C GLY A 176 26.71 2.52 12.23
N GLY A 177 26.21 1.43 11.66
CA GLY A 177 24.90 1.39 11.04
C GLY A 177 24.73 0.18 10.16
N VAL A 178 24.04 0.39 9.03
CA VAL A 178 23.80 -0.67 8.05
C VAL A 178 23.96 -0.12 6.64
N ALA A 179 24.20 -0.99 5.68
CA ALA A 179 24.35 -0.60 4.29
C ALA A 179 23.98 -1.75 3.38
N MET A 180 23.55 -1.42 2.16
CA MET A 180 23.19 -2.43 1.19
C MET A 180 23.38 -1.99 -0.25
N GLY A 181 23.51 -2.97 -1.12
CA GLY A 181 23.66 -2.77 -2.55
C GLY A 181 22.51 -3.50 -3.22
N MET A 182 21.90 -2.84 -4.22
CA MET A 182 20.78 -3.42 -4.97
C MET A 182 21.08 -3.27 -6.45
N TYR A 183 20.46 -4.11 -7.29
CA TYR A 183 20.68 -4.04 -8.72
C TYR A 183 19.44 -4.47 -9.51
N ASN A 184 19.48 -4.18 -10.81
CA ASN A 184 18.47 -4.60 -11.74
C ASN A 184 19.08 -4.68 -13.12
N GLN A 185 18.79 -5.76 -13.84
CA GLN A 185 19.25 -5.91 -15.19
C GLN A 185 18.27 -5.21 -16.13
N ASP A 186 18.77 -4.69 -17.26
CA ASP A 186 17.91 -4.05 -18.24
C ASP A 186 16.89 -5.07 -18.79
N LYS A 187 17.32 -6.33 -19.02
CA LYS A 187 16.44 -7.40 -19.51
C LYS A 187 15.31 -7.72 -18.55
N SER A 188 15.53 -7.69 -17.22
CA SER A 188 14.44 -7.91 -16.27
C SER A 188 13.41 -6.77 -16.36
N ILE A 189 13.90 -5.52 -16.54
CA ILE A 189 13.05 -4.33 -16.65
C ILE A 189 12.22 -4.41 -17.94
N GLU A 190 12.86 -4.81 -19.05
CA GLU A 190 12.24 -5.00 -20.36
C GLU A 190 11.15 -6.09 -20.26
N ASP A 191 11.46 -7.23 -19.57
CA ASP A 191 10.51 -8.33 -19.41
C ASP A 191 9.28 -7.88 -18.61
N PHE A 192 9.50 -7.07 -17.56
CA PHE A 192 8.45 -6.52 -16.69
C PHE A 192 7.53 -5.62 -17.53
N ALA A 193 8.11 -4.78 -18.41
CA ALA A 193 7.32 -3.89 -19.27
C ALA A 193 6.49 -4.71 -20.25
N HIS A 194 7.11 -5.68 -20.99
CA HIS A 194 6.36 -6.52 -21.93
C HIS A 194 5.15 -7.20 -21.28
N SER A 195 5.36 -7.88 -20.16
CA SER A 195 4.29 -8.55 -19.42
C SER A 195 3.17 -7.59 -18.97
N SER A 196 3.55 -6.41 -18.50
CA SER A 196 2.57 -5.41 -18.06
C SER A 196 1.76 -4.90 -19.25
N PHE A 197 2.41 -4.57 -20.39
CA PHE A 197 1.70 -4.11 -21.58
C PHE A 197 0.76 -5.22 -22.11
N GLN A 198 1.25 -6.45 -22.16
CA GLN A 198 0.46 -7.58 -22.64
C GLN A 198 -0.72 -7.89 -21.72
N MET A 199 -0.56 -7.67 -20.42
CA MET A 199 -1.65 -7.87 -19.47
C MET A 199 -2.71 -6.78 -19.66
N ALA A 200 -2.29 -5.54 -19.91
CA ALA A 200 -3.21 -4.44 -20.10
C ALA A 200 -4.05 -4.66 -21.36
N LEU A 201 -3.41 -5.10 -22.45
CA LEU A 201 -4.08 -5.39 -23.72
C LEU A 201 -5.06 -6.57 -23.58
N SER A 202 -4.68 -7.64 -22.85
CA SER A 202 -5.53 -8.81 -22.63
C SER A 202 -6.82 -8.44 -21.91
N LYS A 203 -6.74 -7.60 -20.88
CA LYS A 203 -7.89 -7.18 -20.10
C LYS A 203 -8.67 -6.00 -20.70
N GLY A 204 -8.03 -5.22 -21.55
CA GLY A 204 -8.65 -4.04 -22.13
C GLY A 204 -8.71 -2.90 -21.14
N TRP A 205 -7.68 -2.77 -20.28
CA TRP A 205 -7.64 -1.70 -19.28
C TRP A 205 -6.37 -0.87 -19.38
N PRO A 206 -6.38 0.40 -18.94
CA PRO A 206 -5.15 1.21 -19.00
C PRO A 206 -4.08 0.72 -18.00
N LEU A 207 -2.79 0.96 -18.31
CA LEU A 207 -1.68 0.55 -17.46
C LEU A 207 -0.90 1.75 -16.90
N TYR A 208 -0.56 1.67 -15.62
CA TYR A 208 0.21 2.68 -14.93
C TYR A 208 1.46 2.07 -14.33
N LEU A 209 2.58 2.78 -14.42
CA LEU A 209 3.81 2.34 -13.80
C LEU A 209 4.10 3.32 -12.68
N SER A 210 4.30 2.80 -11.47
CA SER A 210 4.64 3.66 -10.37
C SER A 210 6.12 3.46 -9.97
N THR A 211 6.86 4.58 -9.92
CA THR A 211 8.26 4.65 -9.49
C THR A 211 8.39 5.91 -8.56
N LYS A 212 9.62 6.15 -8.04
CA LYS A 212 10.01 7.29 -7.24
C LYS A 212 11.22 7.85 -8.03
N ASN A 213 11.06 8.10 -9.35
CA ASN A 213 12.17 8.58 -10.19
C ASN A 213 12.68 9.99 -9.82
N THR A 214 11.94 10.71 -8.97
CA THR A 214 12.32 12.04 -8.49
C THR A 214 13.45 11.89 -7.47
N ILE A 215 13.45 10.83 -6.66
CA ILE A 215 14.48 10.58 -5.66
C ILE A 215 15.60 9.73 -6.33
N LEU A 216 15.23 8.55 -6.90
CA LEU A 216 16.16 7.65 -7.59
C LEU A 216 16.12 7.96 -9.09
N LYS A 217 16.80 9.03 -9.48
CA LYS A 217 16.83 9.51 -10.86
C LYS A 217 17.42 8.56 -11.90
N LYS A 218 18.42 7.76 -11.55
CA LYS A 218 19.03 6.83 -12.49
C LYS A 218 18.40 5.43 -12.34
N TYR A 219 18.19 4.97 -11.10
CA TYR A 219 17.62 3.65 -10.80
C TYR A 219 16.16 3.56 -11.26
N ASP A 220 15.30 4.45 -10.74
CA ASP A 220 13.90 4.45 -11.12
C ASP A 220 13.67 5.06 -12.50
N GLY A 221 14.54 5.97 -12.90
CA GLY A 221 14.46 6.59 -14.21
C GLY A 221 14.65 5.58 -15.31
N ARG A 222 15.48 4.55 -15.07
CA ARG A 222 15.70 3.50 -16.07
C ARG A 222 14.40 2.71 -16.30
N PHE A 223 13.60 2.52 -15.24
CA PHE A 223 12.33 1.81 -15.37
C PHE A 223 11.37 2.64 -16.20
N LYS A 224 11.20 3.93 -15.83
CA LYS A 224 10.31 4.85 -16.52
C LYS A 224 10.67 4.96 -18.01
N ASP A 225 11.96 5.16 -18.32
CA ASP A 225 12.48 5.25 -19.67
C ASP A 225 12.33 3.95 -20.48
N ILE A 226 12.62 2.76 -19.88
CA ILE A 226 12.48 1.51 -20.63
C ILE A 226 11.02 1.27 -20.96
N PHE A 227 10.12 1.45 -19.98
CA PHE A 227 8.68 1.28 -20.16
C PHE A 227 8.19 2.20 -21.29
N GLN A 228 8.58 3.49 -21.21
CA GLN A 228 8.23 4.50 -22.20
C GLN A 228 8.68 4.11 -23.60
N GLU A 229 9.95 3.72 -23.77
CA GLU A 229 10.49 3.33 -25.06
C GLU A 229 9.82 2.09 -25.63
N ILE A 230 9.53 1.08 -24.79
CA ILE A 230 8.88 -0.14 -25.26
C ILE A 230 7.42 0.18 -25.68
N TYR A 231 6.76 1.08 -24.96
CA TYR A 231 5.40 1.48 -25.26
C TYR A 231 5.32 2.18 -26.63
N ASP A 232 6.11 3.24 -26.83
CA ASP A 232 6.13 3.99 -28.07
C ASP A 232 6.57 3.21 -29.29
N LYS A 233 7.32 2.11 -29.09
CA LYS A 233 7.82 1.34 -30.22
C LYS A 233 6.99 0.14 -30.59
N GLN A 234 6.26 -0.51 -29.64
CA GLN A 234 5.49 -1.70 -30.04
C GLN A 234 4.13 -1.88 -29.37
N TYR A 235 3.61 -0.88 -28.61
CA TYR A 235 2.31 -1.05 -27.97
C TYR A 235 1.37 0.14 -28.10
N LYS A 236 1.88 1.34 -28.43
CA LYS A 236 1.06 2.54 -28.52
C LYS A 236 -0.21 2.38 -29.38
N SER A 237 -0.06 1.98 -30.65
CA SER A 237 -1.21 1.80 -31.52
C SER A 237 -2.16 0.73 -31.03
N GLN A 238 -1.65 -0.40 -30.50
CA GLN A 238 -2.53 -1.43 -29.97
C GLN A 238 -3.34 -0.89 -28.78
N PHE A 239 -2.72 -0.04 -27.95
CA PHE A 239 -3.39 0.58 -26.80
C PHE A 239 -4.44 1.60 -27.28
N GLU A 240 -4.08 2.46 -28.24
CA GLU A 240 -5.00 3.47 -28.78
C GLU A 240 -6.23 2.83 -29.43
N ALA A 241 -6.02 1.70 -30.14
CA ALA A 241 -7.08 0.95 -30.81
C ALA A 241 -8.06 0.27 -29.85
N GLN A 242 -7.77 0.27 -28.54
CA GLN A 242 -8.67 -0.32 -27.55
C GLN A 242 -9.19 0.74 -26.57
N LYS A 243 -8.94 2.05 -26.81
CA LYS A 243 -9.32 3.18 -25.95
C LYS A 243 -8.56 3.14 -24.59
N ILE A 244 -7.37 2.51 -24.57
CA ILE A 244 -6.53 2.40 -23.37
C ILE A 244 -5.17 3.10 -23.59
N TRP A 245 -4.44 3.35 -22.49
CA TRP A 245 -3.17 4.07 -22.56
C TRP A 245 -2.21 3.61 -21.44
N TYR A 246 -0.93 4.05 -21.54
CA TYR A 246 0.11 3.80 -20.55
C TYR A 246 0.57 5.16 -20.02
N GLU A 247 0.66 5.28 -18.70
CA GLU A 247 1.12 6.49 -18.07
C GLU A 247 1.99 6.19 -16.86
N HIS A 248 3.09 6.92 -16.72
CA HIS A 248 3.94 6.79 -15.56
C HIS A 248 3.33 7.70 -14.49
N ARG A 249 3.36 7.26 -13.25
CA ARG A 249 2.83 8.01 -12.13
C ARG A 249 3.74 7.83 -10.93
N LEU A 250 3.97 8.90 -10.13
CA LEU A 250 4.76 8.76 -8.91
C LEU A 250 3.92 7.93 -7.92
N ILE A 251 4.56 7.08 -7.10
CA ILE A 251 3.84 6.20 -6.19
C ILE A 251 2.81 6.92 -5.30
N ASP A 252 3.13 8.14 -4.83
CA ASP A 252 2.21 8.92 -3.99
C ASP A 252 0.97 9.40 -4.78
N ASP A 253 1.17 9.76 -6.05
CA ASP A 253 0.05 10.17 -6.91
C ASP A 253 -0.82 8.93 -7.17
N MET A 254 -0.18 7.78 -7.48
CA MET A 254 -0.81 6.51 -7.78
C MET A 254 -1.69 5.99 -6.63
N VAL A 255 -1.17 5.95 -5.40
CA VAL A 255 -1.96 5.47 -4.27
C VAL A 255 -3.18 6.36 -4.03
N ALA A 256 -3.08 7.67 -4.34
CA ALA A 256 -4.17 8.61 -4.18
C ALA A 256 -5.21 8.48 -5.30
N GLN A 257 -4.78 8.21 -6.57
CA GLN A 257 -5.70 8.03 -7.70
C GLN A 257 -6.49 6.74 -7.50
N ALA A 258 -5.83 5.67 -7.03
CA ALA A 258 -6.48 4.38 -6.78
C ALA A 258 -7.57 4.48 -5.69
N MET A 259 -7.42 5.44 -4.76
CA MET A 259 -8.37 5.69 -3.67
C MET A 259 -9.62 6.45 -4.14
N LYS A 260 -9.52 7.20 -5.25
CA LYS A 260 -10.61 8.01 -5.82
C LYS A 260 -11.21 7.41 -7.13
N SER A 261 -10.55 6.40 -7.69
CA SER A 261 -10.95 5.70 -8.92
C SER A 261 -12.04 4.65 -8.64
N GLU A 262 -12.65 4.11 -9.70
CA GLU A 262 -13.64 3.03 -9.59
C GLU A 262 -12.97 1.66 -9.96
N GLY A 263 -11.65 1.62 -10.08
CA GLY A 263 -10.90 0.44 -10.46
C GLY A 263 -10.83 0.31 -11.97
N GLY A 264 -10.40 -0.84 -12.44
CA GLY A 264 -10.31 -1.11 -13.87
C GLY A 264 -9.03 -0.63 -14.51
N PHE A 265 -7.89 -0.90 -13.85
CA PHE A 265 -6.60 -0.53 -14.42
C PHE A 265 -5.50 -1.47 -13.94
N ILE A 266 -4.43 -1.55 -14.71
CA ILE A 266 -3.28 -2.36 -14.34
C ILE A 266 -2.30 -1.40 -13.66
N TRP A 267 -1.78 -1.81 -12.52
CA TRP A 267 -0.83 -1.03 -11.76
C TRP A 267 0.46 -1.84 -11.66
N ALA A 268 1.44 -1.52 -12.49
CA ALA A 268 2.74 -2.16 -12.47
C ALA A 268 3.60 -1.37 -11.47
N CYS A 269 3.98 -1.96 -10.32
CA CYS A 269 4.80 -1.23 -9.36
C CYS A 269 6.19 -1.79 -9.22
N LYS A 270 7.18 -0.89 -9.26
CA LYS A 270 8.56 -1.29 -9.06
C LYS A 270 8.70 -1.14 -7.55
N ASN A 271 8.76 -2.28 -6.84
CA ASN A 271 8.87 -2.45 -5.37
C ASN A 271 8.11 -3.71 -4.92
N GLY A 274 8.34 -1.11 -0.62
CA GLY A 274 7.32 -0.20 -1.11
C GLY A 274 6.05 -0.90 -1.54
N ASP A 275 5.74 -2.04 -0.90
CA ASP A 275 4.54 -2.81 -1.20
C ASP A 275 3.56 -2.87 -0.03
N VAL A 276 3.52 -1.82 0.81
CA VAL A 276 2.60 -1.72 1.94
C VAL A 276 1.17 -1.61 1.37
N GLN A 277 1.01 -0.73 0.35
CA GLN A 277 -0.20 -0.40 -0.38
C GLN A 277 -0.62 -1.56 -1.29
N SER A 278 0.36 -2.23 -1.92
CA SER A 278 0.14 -3.37 -2.79
C SER A 278 -0.41 -4.56 -1.99
N ASP A 279 -0.02 -4.69 -0.71
CA ASP A 279 -0.51 -5.76 0.16
C ASP A 279 -1.93 -5.46 0.62
N SER A 280 -2.24 -4.18 0.89
CA SER A 280 -3.57 -3.74 1.33
C SER A 280 -4.63 -3.93 0.23
N VAL A 281 -4.23 -3.82 -1.04
CA VAL A 281 -5.18 -4.04 -2.14
C VAL A 281 -5.37 -5.56 -2.25
N ALA A 282 -4.28 -6.36 -2.22
CA ALA A 282 -4.39 -7.82 -2.28
C ALA A 282 -5.31 -8.38 -1.18
N GLN A 283 -5.20 -7.85 0.04
CA GLN A 283 -6.04 -8.30 1.16
C GLN A 283 -7.29 -7.43 1.39
N GLY A 284 -7.64 -6.57 0.44
CA GLY A 284 -8.77 -5.66 0.61
C GLY A 284 -10.06 -5.96 -0.13
N TYR A 285 -10.33 -7.23 -0.41
CA TYR A 285 -11.56 -7.59 -1.09
C TYR A 285 -12.40 -8.61 -0.26
N GLY A 286 -12.42 -8.37 1.05
CA GLY A 286 -13.17 -9.16 2.01
C GLY A 286 -12.61 -10.53 2.35
N SER A 287 -12.22 -11.30 1.32
CA SER A 287 -11.73 -12.65 1.54
C SER A 287 -10.56 -13.07 0.65
N LEU A 288 -9.74 -13.99 1.17
CA LEU A 288 -8.64 -14.57 0.41
C LEU A 288 -9.17 -15.44 -0.75
N GLY A 289 -10.40 -15.95 -0.63
CA GLY A 289 -11.05 -16.76 -1.65
C GLY A 289 -11.48 -15.96 -2.87
N MET A 290 -11.33 -14.61 -2.85
CA MET A 290 -11.73 -13.76 -3.97
C MET A 290 -10.54 -13.13 -4.69
N MET A 291 -9.37 -13.74 -4.64
CA MET A 291 -8.17 -13.20 -5.27
C MET A 291 -7.45 -14.27 -6.06
N THR A 292 -7.05 -13.95 -7.29
CA THR A 292 -6.30 -14.86 -8.15
C THR A 292 -4.89 -14.25 -8.37
N SER A 293 -3.91 -15.09 -8.71
CA SER A 293 -2.52 -14.70 -8.94
C SER A 293 -2.05 -15.32 -10.26
N VAL A 294 -1.97 -14.51 -11.34
CA VAL A 294 -1.55 -14.98 -12.64
C VAL A 294 -0.12 -14.59 -13.03
N LEU A 295 0.72 -15.59 -13.33
CA LEU A 295 2.07 -15.35 -13.78
C LEU A 295 2.01 -15.13 -15.31
N VAL A 296 2.40 -13.95 -15.77
CA VAL A 296 2.38 -13.61 -17.20
C VAL A 296 3.81 -13.49 -17.75
N CYS A 297 4.22 -14.41 -18.62
CA CYS A 297 5.57 -14.40 -19.23
C CYS A 297 5.72 -13.31 -20.32
N PRO A 298 6.91 -12.71 -20.51
CA PRO A 298 7.03 -11.60 -21.49
C PRO A 298 6.74 -11.93 -22.95
N ASP A 299 6.74 -13.23 -23.31
CA ASP A 299 6.46 -13.67 -24.67
C ASP A 299 5.03 -13.42 -25.13
N GLY A 300 4.14 -13.04 -24.21
CA GLY A 300 2.73 -12.81 -24.52
C GLY A 300 1.95 -14.07 -24.84
N LYS A 301 2.58 -15.24 -24.64
CA LYS A 301 1.96 -16.53 -24.94
C LYS A 301 1.87 -17.44 -23.75
N THR A 302 2.80 -17.35 -22.80
CA THR A 302 2.85 -18.24 -21.65
C THR A 302 2.28 -17.62 -20.39
N VAL A 303 1.33 -18.31 -19.76
CA VAL A 303 0.63 -17.87 -18.57
C VAL A 303 0.45 -19.04 -17.58
N GLU A 304 0.40 -18.74 -16.27
CA GLU A 304 0.16 -19.76 -15.25
C GLU A 304 -0.75 -19.14 -14.20
N ALA A 305 -1.97 -19.67 -14.03
CA ALA A 305 -2.92 -19.11 -13.09
C ALA A 305 -3.21 -19.94 -11.86
N GLU A 306 -3.41 -19.26 -10.73
CA GLU A 306 -3.72 -19.94 -9.48
C GLU A 306 -4.51 -19.04 -8.51
N ALA A 307 -5.04 -19.60 -7.43
CA ALA A 307 -5.74 -18.85 -6.38
C ALA A 307 -4.61 -18.15 -5.60
N ALA A 308 -4.83 -16.92 -5.14
CA ALA A 308 -3.83 -16.21 -4.36
C ALA A 308 -4.01 -16.51 -2.86
N HIS A 309 -4.11 -17.78 -2.51
CA HIS A 309 -4.29 -18.24 -1.14
C HIS A 309 -3.67 -19.63 -0.99
N GLY A 310 -3.62 -20.16 0.23
CA GLY A 310 -3.03 -21.46 0.48
C GLY A 310 -4.00 -22.62 0.41
N THR A 311 -3.57 -23.74 0.95
CA THR A 311 -4.33 -24.99 0.95
C THR A 311 -5.50 -25.06 1.94
N VAL A 312 -5.73 -23.99 2.74
CA VAL A 312 -6.82 -23.88 3.75
C VAL A 312 -6.80 -25.06 4.74
N THR A 313 -5.63 -25.25 5.38
CA THR A 313 -5.37 -26.33 6.33
C THR A 313 -6.45 -26.46 7.40
N ARG A 314 -6.83 -25.35 8.03
CA ARG A 314 -7.85 -25.38 9.09
C ARG A 314 -9.16 -26.05 8.64
N HIS A 315 -9.64 -25.70 7.44
CA HIS A 315 -10.87 -26.28 6.89
C HIS A 315 -10.65 -27.79 6.59
N TYR A 316 -9.46 -28.13 6.06
CA TYR A 316 -9.07 -29.50 5.73
C TYR A 316 -9.10 -30.44 6.95
N ARG A 317 -8.66 -29.97 8.13
CA ARG A 317 -8.69 -30.80 9.36
C ARG A 317 -10.14 -31.14 9.70
N MET A 318 -11.07 -30.18 9.57
CA MET A 318 -12.50 -30.44 9.83
C MET A 318 -13.05 -31.49 8.86
N TYR A 319 -12.63 -31.39 7.59
CA TYR A 319 -13.02 -32.33 6.54
C TYR A 319 -12.55 -33.74 6.90
N GLN A 320 -11.32 -33.87 7.44
CA GLN A 320 -10.78 -35.15 7.84
C GLN A 320 -11.60 -35.79 8.97
N LYS A 321 -12.10 -34.96 9.89
CA LYS A 321 -12.95 -35.41 11.00
C LYS A 321 -14.43 -35.70 10.60
N GLY A 322 -14.78 -35.43 9.35
CA GLY A 322 -16.14 -35.63 8.88
C GLY A 322 -17.04 -34.44 9.18
N GLN A 323 -16.47 -33.32 9.67
CA GLN A 323 -17.25 -32.12 9.98
C GLN A 323 -17.60 -31.33 8.72
N GLU A 324 -18.65 -30.53 8.81
CA GLU A 324 -19.09 -29.71 7.70
C GLU A 324 -18.05 -28.60 7.49
N THR A 325 -17.83 -28.23 6.23
CA THR A 325 -16.89 -27.15 5.88
C THR A 325 -17.60 -26.13 4.98
N SER A 326 -17.06 -24.90 4.91
CA SER A 326 -17.58 -23.86 4.03
C SER A 326 -16.40 -23.09 3.42
N THR A 327 -15.73 -23.73 2.43
CA THR A 327 -14.56 -23.17 1.76
C THR A 327 -14.96 -22.52 0.43
N ASN A 328 -14.47 -21.30 0.24
CA ASN A 328 -14.74 -20.52 -0.96
C ASN A 328 -13.93 -21.04 -2.17
N PRO A 329 -14.63 -21.47 -3.23
CA PRO A 329 -13.92 -21.99 -4.42
C PRO A 329 -13.68 -20.97 -5.52
N ILE A 330 -14.13 -19.72 -5.35
CA ILE A 330 -14.04 -18.67 -6.39
C ILE A 330 -12.66 -18.54 -6.97
N ALA A 331 -11.64 -18.18 -6.17
CA ALA A 331 -10.27 -18.02 -6.67
C ALA A 331 -9.76 -19.27 -7.42
N SER A 332 -10.13 -20.47 -6.98
CA SER A 332 -9.73 -21.69 -7.66
C SER A 332 -10.47 -21.81 -9.02
N ILE A 333 -11.75 -21.43 -9.07
CA ILE A 333 -12.54 -21.43 -10.31
C ILE A 333 -11.92 -20.44 -11.29
N PHE A 334 -11.54 -19.25 -10.80
CA PHE A 334 -10.96 -18.21 -11.64
C PHE A 334 -9.56 -18.52 -12.15
N ALA A 335 -8.82 -19.39 -11.47
CA ALA A 335 -7.53 -19.86 -11.98
C ALA A 335 -7.84 -20.69 -13.27
N TRP A 336 -8.88 -21.55 -13.21
CA TRP A 336 -9.32 -22.30 -14.37
C TRP A 336 -9.84 -21.39 -15.49
N THR A 337 -10.78 -20.46 -15.19
CA THR A 337 -11.33 -19.57 -16.22
C THR A 337 -10.32 -18.62 -16.85
N ARG A 338 -9.40 -18.05 -16.07
CA ARG A 338 -8.39 -17.16 -16.64
C ARG A 338 -7.38 -17.99 -17.48
N GLY A 339 -7.09 -19.21 -17.07
CA GLY A 339 -6.25 -20.10 -17.86
C GLY A 339 -6.95 -20.46 -19.17
N LEU A 340 -8.23 -20.86 -19.10
CA LEU A 340 -9.00 -21.23 -20.29
C LEU A 340 -9.21 -20.05 -21.23
N ALA A 341 -9.36 -18.81 -20.69
CA ALA A 341 -9.51 -17.59 -21.48
C ALA A 341 -8.24 -17.31 -22.27
N HIS A 342 -7.07 -17.55 -21.67
CA HIS A 342 -5.81 -17.36 -22.36
C HIS A 342 -5.64 -18.44 -23.43
N ARG A 343 -6.01 -19.69 -23.13
CA ARG A 343 -5.94 -20.81 -24.08
C ARG A 343 -6.81 -20.47 -25.32
N ALA A 344 -8.05 -20.01 -25.05
CA ALA A 344 -9.02 -19.60 -26.06
C ALA A 344 -8.48 -18.49 -26.94
N LYS A 345 -7.81 -17.48 -26.37
CA LYS A 345 -7.28 -16.38 -27.14
C LYS A 345 -6.11 -16.87 -28.02
N LEU A 346 -5.28 -17.80 -27.53
CA LEU A 346 -4.15 -18.34 -28.29
C LEU A 346 -4.62 -19.14 -29.51
N ASP A 347 -5.70 -19.90 -29.36
CA ASP A 347 -6.21 -20.74 -30.42
C ASP A 347 -7.37 -20.15 -31.23
N ASN A 348 -7.84 -18.94 -30.85
CA ASN A 348 -8.99 -18.27 -31.46
C ASN A 348 -10.21 -19.16 -31.35
N ASN A 349 -10.43 -19.69 -30.15
CA ASN A 349 -11.51 -20.60 -29.84
C ASN A 349 -12.60 -19.79 -29.18
N LYS A 350 -13.62 -19.39 -29.98
CA LYS A 350 -14.76 -18.57 -29.55
C LYS A 350 -15.64 -19.30 -28.57
N GLU A 351 -15.82 -20.58 -28.80
CA GLU A 351 -16.64 -21.43 -27.96
C GLU A 351 -16.04 -21.52 -26.55
N LEU A 352 -14.69 -21.67 -26.45
CA LEU A 352 -14.00 -21.76 -25.16
C LEU A 352 -13.96 -20.38 -24.49
N ALA A 353 -13.74 -19.30 -25.27
CA ALA A 353 -13.71 -17.96 -24.70
C ALA A 353 -15.03 -17.61 -24.05
N PHE A 354 -16.14 -18.00 -24.69
CA PHE A 354 -17.47 -17.77 -24.16
C PHE A 354 -17.65 -18.57 -22.87
N PHE A 355 -17.30 -19.86 -22.87
CA PHE A 355 -17.49 -20.70 -21.70
C PHE A 355 -16.78 -20.16 -20.46
N ALA A 356 -15.50 -19.74 -20.61
CA ALA A 356 -14.72 -19.19 -19.49
C ALA A 356 -15.40 -17.94 -18.98
N ASN A 357 -15.89 -17.08 -19.89
CA ASN A 357 -16.65 -15.87 -19.53
C ASN A 357 -17.93 -16.19 -18.77
N ALA A 358 -18.71 -17.15 -19.25
CA ALA A 358 -19.96 -17.57 -18.63
C ALA A 358 -19.71 -18.13 -17.23
N LEU A 359 -18.67 -18.96 -17.05
CA LEU A 359 -18.37 -19.53 -15.74
C LEU A 359 -18.03 -18.43 -14.71
N GLU A 360 -17.29 -17.39 -15.12
CA GLU A 360 -16.98 -16.28 -14.21
C GLU A 360 -18.25 -15.56 -13.81
N GLU A 361 -19.11 -15.23 -14.80
CA GLU A 361 -20.37 -14.53 -14.55
C GLU A 361 -21.29 -15.34 -13.66
N VAL A 362 -21.38 -16.67 -13.83
CA VAL A 362 -22.22 -17.52 -12.96
C VAL A 362 -21.77 -17.38 -11.51
N SER A 363 -20.43 -17.48 -11.29
CA SER A 363 -19.83 -17.43 -9.97
C SER A 363 -20.17 -16.13 -9.26
N ILE A 364 -20.03 -15.01 -9.95
CA ILE A 364 -20.31 -13.67 -9.44
C ILE A 364 -21.78 -13.49 -9.17
N GLU A 365 -22.63 -13.90 -10.11
CA GLU A 365 -24.08 -13.80 -9.99
C GLU A 365 -24.63 -14.65 -8.87
N THR A 366 -24.07 -15.83 -8.63
CA THR A 366 -24.56 -16.72 -7.57
C THR A 366 -24.39 -16.03 -6.19
N ILE A 367 -23.23 -15.40 -6.01
CA ILE A 367 -22.94 -14.69 -4.75
C ILE A 367 -23.80 -13.44 -4.68
N GLU A 368 -23.88 -12.66 -5.77
CA GLU A 368 -24.69 -11.46 -5.81
C GLU A 368 -26.18 -11.73 -5.54
N ALA A 369 -26.65 -12.97 -5.80
CA ALA A 369 -28.04 -13.36 -5.52
C ALA A 369 -28.26 -13.80 -4.04
N GLY A 370 -27.20 -13.81 -3.23
CA GLY A 370 -27.31 -14.19 -1.82
C GLY A 370 -26.91 -15.61 -1.49
N PHE A 371 -26.30 -16.34 -2.43
CA PHE A 371 -25.83 -17.72 -2.20
C PHE A 371 -24.31 -17.69 -2.09
N MET A 372 -23.75 -18.01 -0.90
CA MET A 372 -22.29 -17.91 -0.72
C MET A 372 -21.75 -18.76 0.42
N THR A 373 -20.42 -18.86 0.50
CA THR A 373 -19.75 -19.58 1.57
C THR A 373 -19.65 -18.68 2.83
N LYS A 374 -19.31 -19.29 3.98
CA LYS A 374 -19.22 -18.62 5.28
C LYS A 374 -18.35 -17.38 5.31
N ASP A 375 -17.20 -17.39 4.65
CA ASP A 375 -16.30 -16.24 4.61
C ASP A 375 -16.96 -15.00 4.01
N LEU A 376 -17.82 -15.20 2.99
CA LEU A 376 -18.49 -14.08 2.33
C LEU A 376 -19.66 -13.56 3.16
N ALA A 377 -20.35 -14.47 3.86
CA ALA A 377 -21.44 -14.14 4.76
C ALA A 377 -20.84 -13.34 5.95
N ALA A 378 -19.63 -13.71 6.43
CA ALA A 378 -18.97 -12.99 7.51
C ALA A 378 -18.60 -11.57 7.07
N CYS A 379 -18.21 -11.38 5.80
CA CYS A 379 -17.90 -10.05 5.25
C CYS A 379 -19.13 -9.15 5.31
N ILE A 380 -20.33 -9.71 5.06
CA ILE A 380 -21.58 -8.97 5.09
C ILE A 380 -22.08 -8.66 6.51
N LYS A 381 -22.32 -9.69 7.32
CA LYS A 381 -22.90 -9.55 8.66
C LYS A 381 -21.94 -9.35 9.83
N GLY A 382 -20.67 -9.66 9.65
CA GLY A 382 -19.68 -9.65 10.70
C GLY A 382 -19.61 -11.07 11.22
N LEU A 383 -18.41 -11.64 11.42
CA LEU A 383 -18.28 -13.04 11.88
C LEU A 383 -19.13 -13.41 13.14
N PRO A 384 -19.26 -12.57 14.22
CA PRO A 384 -20.08 -13.00 15.38
C PRO A 384 -21.55 -13.21 15.07
N ASN A 385 -22.05 -12.51 14.06
CA ASN A 385 -23.45 -12.49 13.67
C ASN A 385 -23.87 -13.49 12.60
N VAL A 386 -22.93 -14.24 12.03
CA VAL A 386 -23.28 -15.22 11.00
C VAL A 386 -23.91 -16.47 11.59
N GLN A 387 -25.01 -16.92 11.01
CA GLN A 387 -25.67 -18.16 11.44
C GLN A 387 -25.70 -19.14 10.24
N ARG A 388 -25.83 -20.44 10.51
CA ARG A 388 -25.81 -21.48 9.50
C ARG A 388 -26.64 -21.18 8.24
N SER A 389 -27.85 -20.62 8.42
CA SER A 389 -28.79 -20.28 7.35
C SER A 389 -28.31 -19.15 6.42
N ASP A 390 -27.28 -18.38 6.82
CA ASP A 390 -26.77 -17.30 5.96
C ASP A 390 -25.80 -17.80 4.86
N TYR A 391 -25.36 -19.08 4.94
CA TYR A 391 -24.41 -19.57 3.95
C TYR A 391 -24.65 -21.00 3.50
N LEU A 392 -23.88 -21.45 2.51
CA LEU A 392 -23.91 -22.83 2.02
C LEU A 392 -22.58 -23.49 2.40
N ASN A 393 -22.62 -24.81 2.66
CA ASN A 393 -21.39 -25.55 2.93
C ASN A 393 -20.59 -25.67 1.60
N THR A 394 -19.35 -26.19 1.63
CA THR A 394 -18.54 -26.35 0.42
C THR A 394 -19.25 -27.05 -0.75
N PHE A 395 -19.90 -28.20 -0.47
CA PHE A 395 -20.60 -28.97 -1.49
C PHE A 395 -21.84 -28.27 -1.98
N GLU A 396 -22.67 -27.71 -1.07
CA GLU A 396 -23.89 -27.00 -1.47
C GLU A 396 -23.61 -25.85 -2.42
N PHE A 397 -22.53 -25.07 -2.17
CA PHE A 397 -22.20 -23.94 -3.04
C PHE A 397 -21.77 -24.41 -4.43
N MET A 398 -20.98 -25.50 -4.47
CA MET A 398 -20.53 -26.06 -5.74
C MET A 398 -21.73 -26.57 -6.54
N ASP A 399 -22.68 -27.24 -5.85
CA ASP A 399 -23.90 -27.75 -6.47
C ASP A 399 -24.77 -26.61 -7.00
N LYS A 400 -24.80 -25.46 -6.28
CA LYS A 400 -25.55 -24.27 -6.69
C LYS A 400 -24.86 -23.63 -7.92
N LEU A 401 -23.51 -23.58 -7.96
CA LEU A 401 -22.81 -23.04 -9.14
C LEU A 401 -23.06 -23.93 -10.36
N GLY A 402 -23.10 -25.25 -10.16
CA GLY A 402 -23.35 -26.21 -11.22
C GLY A 402 -24.73 -26.01 -11.81
N GLU A 403 -25.74 -25.89 -10.93
CA GLU A 403 -27.13 -25.66 -11.31
C GLU A 403 -27.26 -24.37 -12.11
N ASN A 404 -26.61 -23.30 -11.63
CA ASN A 404 -26.63 -21.99 -12.28
C ASN A 404 -25.92 -21.95 -13.58
N LEU A 405 -24.84 -22.74 -13.71
CA LEU A 405 -24.08 -22.82 -14.94
C LEU A 405 -24.94 -23.49 -16.02
N LYS A 406 -25.71 -24.52 -15.65
CA LYS A 406 -26.58 -25.24 -16.58
C LYS A 406 -27.62 -24.27 -17.15
N ILE A 407 -28.21 -23.45 -16.27
CA ILE A 407 -29.20 -22.44 -16.64
C ILE A 407 -28.57 -21.38 -17.57
N LYS A 408 -27.35 -20.91 -17.27
CA LYS A 408 -26.70 -19.89 -18.11
C LYS A 408 -26.37 -20.40 -19.50
N LEU A 409 -25.98 -21.69 -19.58
CA LEU A 409 -25.65 -22.26 -20.87
C LEU A 409 -26.88 -22.47 -21.73
N ALA A 410 -28.04 -22.76 -21.10
CA ALA A 410 -29.31 -22.90 -21.82
C ALA A 410 -29.70 -21.51 -22.37
N GLN A 411 -29.53 -20.44 -21.57
CA GLN A 411 -29.84 -19.09 -22.03
C GLN A 411 -28.94 -18.68 -23.18
N ALA A 412 -27.69 -19.12 -23.21
CA ALA A 412 -26.74 -18.76 -24.26
C ALA A 412 -27.06 -19.35 -25.62
N LYS A 413 -27.82 -20.45 -25.66
CA LYS A 413 -28.21 -21.06 -26.94
C LYS A 413 -29.13 -20.15 -27.79
N LEU A 414 -29.63 -19.04 -27.20
CA LEU A 414 -30.47 -18.00 -27.83
C LEU A 414 -29.61 -17.13 -28.79
N LEU A 415 -28.27 -17.10 -28.61
CA LEU A 415 -27.35 -16.37 -29.49
C LEU A 415 -27.26 -17.06 -30.86
N GLU A 416 -27.57 -18.37 -30.94
CA GLU A 416 -27.54 -19.17 -32.15
C GLU A 416 -28.99 -19.50 -32.53
N LYS B 3 -11.13 38.01 29.79
CA LYS B 3 -9.80 37.42 30.01
C LYS B 3 -9.69 36.07 29.25
N LYS B 4 -8.84 36.01 28.21
CA LYS B 4 -8.62 34.82 27.38
C LYS B 4 -7.39 34.01 27.88
N ILE B 5 -7.24 32.76 27.39
CA ILE B 5 -6.11 31.92 27.78
C ILE B 5 -4.80 32.52 27.22
N SER B 6 -3.73 32.56 28.04
CA SER B 6 -2.43 33.07 27.58
C SER B 6 -1.87 31.89 26.84
N GLY B 7 -1.70 32.01 25.53
CA GLY B 7 -1.25 30.89 24.73
C GLY B 7 0.25 30.76 24.54
N GLY B 8 0.96 31.87 24.60
CA GLY B 8 2.40 31.85 24.42
C GLY B 8 2.78 31.93 22.95
N SER B 9 4.05 31.62 22.67
CA SER B 9 4.62 31.70 21.32
C SER B 9 4.25 30.56 20.37
N VAL B 10 3.59 30.89 19.26
CA VAL B 10 3.19 29.90 18.27
C VAL B 10 3.63 30.43 16.89
N VAL B 11 4.23 29.56 16.08
CA VAL B 11 4.62 29.93 14.72
C VAL B 11 3.48 29.45 13.84
N GLU B 12 2.90 30.39 13.10
CA GLU B 12 1.76 30.12 12.25
C GLU B 12 2.13 30.34 10.79
N MET B 13 1.75 29.43 9.90
CA MET B 13 2.06 29.57 8.49
C MET B 13 0.79 29.55 7.65
N GLN B 14 0.48 30.71 7.03
CA GLN B 14 -0.69 30.81 6.17
C GLN B 14 -0.38 30.12 4.84
N GLY B 15 -1.39 29.59 4.18
CA GLY B 15 -1.22 28.83 2.95
C GLY B 15 -1.96 29.29 1.73
N ASP B 16 -2.53 28.34 0.99
CA ASP B 16 -3.15 28.66 -0.27
C ASP B 16 -4.58 28.23 -0.47
N GLU B 17 -5.23 28.89 -1.44
CA GLU B 17 -6.54 28.61 -1.98
C GLU B 17 -7.66 28.34 -0.93
N MET B 18 -8.41 27.22 -1.01
CA MET B 18 -9.52 26.97 -0.09
C MET B 18 -9.09 26.79 1.36
N THR B 19 -7.91 26.17 1.58
CA THR B 19 -7.37 25.97 2.93
C THR B 19 -6.97 27.32 3.53
N ARG B 20 -6.53 28.30 2.71
CA ARG B 20 -6.18 29.61 3.24
C ARG B 20 -7.38 30.28 3.86
N ILE B 21 -8.56 30.14 3.21
CA ILE B 21 -9.82 30.70 3.70
C ILE B 21 -10.28 29.96 4.96
N ILE B 22 -10.35 28.61 4.94
CA ILE B 22 -10.78 27.90 6.16
C ILE B 22 -9.81 28.17 7.34
N TRP B 23 -8.52 28.38 7.06
CA TRP B 23 -7.51 28.67 8.08
C TRP B 23 -7.81 30.01 8.77
N GLU B 24 -8.25 31.00 7.99
CA GLU B 24 -8.62 32.31 8.56
C GLU B 24 -9.89 32.18 9.38
N LEU B 25 -10.82 31.35 8.96
CA LEU B 25 -12.05 31.10 9.66
C LEU B 25 -11.78 30.44 10.99
N ILE B 26 -10.85 29.45 11.01
CA ILE B 26 -10.46 28.76 12.24
C ILE B 26 -9.93 29.77 13.26
N LYS B 27 -9.01 30.66 12.85
CA LYS B 27 -8.44 31.62 13.78
C LYS B 27 -9.51 32.60 14.29
N GLU B 28 -10.32 33.17 13.39
CA GLU B 28 -11.34 34.16 13.71
C GLU B 28 -12.49 33.60 14.56
N LYS B 29 -12.93 32.35 14.32
CA LYS B 29 -14.07 31.80 15.07
C LYS B 29 -13.74 30.82 16.15
N LEU B 30 -12.63 30.08 16.03
CA LEU B 30 -12.31 29.06 17.02
C LEU B 30 -11.12 29.35 17.90
N ILE B 31 -10.08 30.05 17.43
CA ILE B 31 -8.88 30.29 18.24
C ILE B 31 -8.81 31.68 18.89
N PHE B 32 -8.88 32.75 18.09
CA PHE B 32 -8.78 34.14 18.60
C PHE B 32 -9.87 34.56 19.62
N PRO B 33 -11.15 34.08 19.56
CA PRO B 33 -12.11 34.48 20.62
C PRO B 33 -11.78 33.88 22.02
N TYR B 34 -10.86 32.87 22.10
CA TYR B 34 -10.54 32.25 23.38
C TYR B 34 -9.06 32.23 23.80
N VAL B 35 -8.13 32.43 22.88
CA VAL B 35 -6.70 32.34 23.19
C VAL B 35 -5.99 33.55 22.62
N GLU B 36 -5.09 34.16 23.39
CA GLU B 36 -4.27 35.28 22.95
C GLU B 36 -2.88 34.67 22.71
N LEU B 37 -2.22 35.03 21.61
CA LEU B 37 -0.91 34.44 21.30
C LEU B 37 0.17 35.44 20.95
N ASP B 38 1.42 35.08 21.23
CA ASP B 38 2.58 35.83 20.80
C ASP B 38 2.77 35.12 19.45
N LEU B 39 2.05 35.61 18.42
CA LEU B 39 1.99 34.98 17.12
C LEU B 39 3.04 35.41 16.15
N HIS B 40 3.81 34.44 15.68
CA HIS B 40 4.85 34.66 14.66
C HIS B 40 4.23 34.12 13.36
N SER B 41 3.56 35.01 12.60
CA SER B 41 2.89 34.63 11.36
C SER B 41 3.74 34.77 10.14
N TYR B 42 3.73 33.73 9.30
CA TYR B 42 4.50 33.67 8.06
C TYR B 42 3.57 33.32 6.94
N ASP B 43 3.56 34.13 5.91
CA ASP B 43 2.67 33.92 4.80
C ASP B 43 3.33 33.00 3.78
N LEU B 44 2.95 31.72 3.78
CA LEU B 44 3.49 30.78 2.82
C LEU B 44 2.62 30.62 1.57
N GLY B 45 1.79 31.61 1.26
CA GLY B 45 1.01 31.63 0.03
C GLY B 45 1.97 31.72 -1.15
N ILE B 46 1.61 31.10 -2.26
CA ILE B 46 2.47 30.97 -3.43
C ILE B 46 2.96 32.31 -3.99
N GLU B 47 2.14 33.35 -3.95
CA GLU B 47 2.51 34.67 -4.46
C GLU B 47 3.57 35.29 -3.60
N ASN B 48 3.45 35.12 -2.27
CA ASN B 48 4.41 35.65 -1.32
C ASN B 48 5.71 34.85 -1.36
N ARG B 49 5.65 33.50 -1.59
CA ARG B 49 6.91 32.72 -1.70
C ARG B 49 7.63 33.20 -2.98
N ASP B 50 6.89 33.39 -4.09
CA ASP B 50 7.48 33.88 -5.33
C ASP B 50 8.10 35.29 -5.13
N ALA B 51 7.35 36.25 -4.51
CA ALA B 51 7.84 37.62 -4.28
C ALA B 51 9.08 37.66 -3.42
N THR B 52 9.17 36.80 -2.41
CA THR B 52 10.33 36.78 -1.51
C THR B 52 11.42 35.82 -1.94
N ASN B 53 11.33 35.20 -3.13
CA ASN B 53 12.32 34.23 -3.58
C ASN B 53 12.45 33.07 -2.60
N ASP B 54 11.27 32.64 -2.05
CA ASP B 54 11.09 31.58 -1.06
C ASP B 54 11.77 31.86 0.27
N GLN B 55 12.18 33.11 0.53
CA GLN B 55 12.83 33.46 1.80
C GLN B 55 11.88 33.29 3.01
N VAL B 56 10.59 33.61 2.82
CA VAL B 56 9.57 33.47 3.87
C VAL B 56 9.52 32.03 4.44
N THR B 57 9.78 31.00 3.57
CA THR B 57 9.77 29.59 3.98
C THR B 57 10.93 29.28 4.88
N LYS B 58 12.12 29.79 4.52
CA LYS B 58 13.30 29.56 5.34
C LYS B 58 13.16 30.29 6.66
N ASP B 59 12.53 31.48 6.68
CA ASP B 59 12.34 32.23 7.93
C ASP B 59 11.32 31.54 8.82
N ALA B 60 10.27 30.94 8.23
CA ALA B 60 9.27 30.23 9.05
C ALA B 60 9.92 29.01 9.74
N ALA B 61 10.73 28.24 8.99
CA ALA B 61 11.45 27.07 9.49
C ALA B 61 12.41 27.48 10.62
N GLU B 62 13.08 28.62 10.47
CA GLU B 62 13.99 29.18 11.48
C GLU B 62 13.16 29.57 12.74
N ALA B 63 11.99 30.20 12.56
CA ALA B 63 11.10 30.56 13.67
C ALA B 63 10.56 29.34 14.44
N ILE B 64 10.30 28.20 13.77
CA ILE B 64 9.83 27.00 14.46
C ILE B 64 10.98 26.42 15.32
N LYS B 65 12.24 26.51 14.84
CA LYS B 65 13.41 26.04 15.59
C LYS B 65 13.54 26.81 16.90
N LYS B 66 13.30 28.12 16.86
CA LYS B 66 13.38 29.02 18.00
C LYS B 66 12.20 28.90 18.94
N HIS B 67 10.97 28.89 18.40
CA HIS B 67 9.77 28.89 19.23
C HIS B 67 9.18 27.52 19.54
N ASN B 68 9.69 26.45 18.92
CA ASN B 68 9.33 25.05 19.18
C ASN B 68 7.95 24.59 18.73
N VAL B 69 7.04 25.48 18.33
CA VAL B 69 5.70 25.06 17.90
C VAL B 69 5.32 25.70 16.57
N GLY B 70 5.02 24.84 15.58
CA GLY B 70 4.57 25.32 14.29
C GLY B 70 3.23 24.72 13.88
N VAL B 71 2.35 25.53 13.27
CA VAL B 71 1.04 25.12 12.76
C VAL B 71 0.99 25.67 11.34
N LYS B 72 0.88 24.77 10.35
CA LYS B 72 0.92 25.13 8.94
C LYS B 72 -0.32 24.74 8.14
N CYS B 73 -0.81 25.70 7.31
CA CYS B 73 -1.93 25.60 6.39
C CYS B 73 -1.42 24.92 5.10
N ALA B 74 -2.29 24.16 4.39
CA ALA B 74 -1.84 23.49 3.16
C ALA B 74 -1.34 24.48 2.12
N THR B 75 -0.28 24.14 1.39
CA THR B 75 0.29 25.03 0.39
C THR B 75 0.40 24.35 -0.98
N ILE B 76 0.59 25.15 -2.04
CA ILE B 76 0.77 24.65 -3.39
C ILE B 76 2.26 24.36 -3.61
N THR B 77 2.57 23.19 -4.15
CA THR B 77 3.93 22.81 -4.51
C THR B 77 3.88 23.00 -6.04
N PRO B 78 4.52 24.04 -6.56
CA PRO B 78 4.45 24.31 -8.00
C PRO B 78 4.86 23.18 -8.95
N ASP B 79 4.12 23.09 -10.05
CA ASP B 79 4.32 22.20 -11.21
C ASP B 79 4.34 23.15 -12.42
N GLU B 80 4.56 22.62 -13.64
CA GLU B 80 4.58 23.45 -14.86
C GLU B 80 3.32 24.29 -15.02
N LYS B 81 2.16 23.69 -14.73
CA LYS B 81 0.84 24.30 -14.82
C LYS B 81 0.73 25.46 -13.79
N ARG B 82 1.22 25.26 -12.56
CA ARG B 82 1.18 26.29 -11.51
C ARG B 82 2.13 27.43 -11.85
N VAL B 83 3.30 27.14 -12.46
CA VAL B 83 4.23 28.19 -12.87
C VAL B 83 3.57 29.16 -13.87
N GLU B 84 2.75 28.67 -14.81
CA GLU B 84 2.06 29.50 -15.77
C GLU B 84 0.83 30.21 -15.19
N GLU B 85 0.15 29.59 -14.21
CA GLU B 85 -1.02 30.20 -13.59
C GLU B 85 -0.62 31.45 -12.82
N PHE B 86 0.48 31.37 -12.05
CA PHE B 86 0.91 32.51 -11.25
C PHE B 86 2.09 33.26 -11.83
N LYS B 87 2.57 32.85 -13.04
CA LYS B 87 3.72 33.45 -13.71
C LYS B 87 4.94 33.46 -12.80
N LEU B 88 5.16 32.33 -12.13
CA LEU B 88 6.26 32.16 -11.17
C LEU B 88 7.63 32.27 -11.76
N LYS B 89 8.57 32.76 -10.96
CA LYS B 89 9.95 32.89 -11.40
C LYS B 89 10.57 31.51 -11.55
N GLN B 90 10.30 30.62 -10.60
CA GLN B 90 10.85 29.29 -10.58
C GLN B 90 9.79 28.29 -10.16
N MET B 91 10.08 27.00 -10.33
CA MET B 91 9.20 25.95 -9.88
C MET B 91 9.73 25.73 -8.49
N TRP B 92 9.25 26.53 -7.52
CA TRP B 92 9.76 26.45 -6.15
C TRP B 92 9.57 25.09 -5.54
N LYS B 93 10.52 24.67 -4.71
CA LYS B 93 10.41 23.40 -4.00
C LYS B 93 9.26 23.48 -2.97
N SER B 94 8.75 22.34 -2.57
CA SER B 94 7.71 22.19 -1.56
C SER B 94 8.09 22.90 -0.25
N PRO B 95 7.25 23.79 0.29
CA PRO B 95 7.58 24.42 1.58
C PRO B 95 7.71 23.37 2.69
N ASN B 96 6.90 22.30 2.63
CA ASN B 96 6.92 21.20 3.58
C ASN B 96 8.27 20.48 3.55
N GLY B 97 8.84 20.31 2.36
CA GLY B 97 10.14 19.69 2.16
C GLY B 97 11.24 20.55 2.74
N THR B 98 11.19 21.86 2.45
CA THR B 98 12.16 22.80 2.97
C THR B 98 12.12 22.83 4.50
N ILE B 99 10.92 22.90 5.09
CA ILE B 99 10.77 22.92 6.56
C ILE B 99 11.21 21.59 7.16
N ARG B 100 10.83 20.49 6.52
CA ARG B 100 11.20 19.15 6.96
C ARG B 100 12.73 18.98 7.00
N ASN B 101 13.46 19.43 5.95
CA ASN B 101 14.91 19.25 5.91
C ASN B 101 15.63 20.11 6.93
N ILE B 102 15.14 21.32 7.16
CA ILE B 102 15.73 22.18 8.15
C ILE B 102 15.50 21.62 9.56
N LEU B 103 14.28 21.16 9.88
CA LEU B 103 13.97 20.65 11.22
C LEU B 103 14.37 19.20 11.54
N GLY B 104 14.09 18.27 10.65
CA GLY B 104 14.36 16.85 10.87
C GLY B 104 13.35 16.21 11.82
N GLY B 105 13.49 14.91 12.02
CA GLY B 105 12.63 14.19 12.92
C GLY B 105 11.78 13.11 12.29
N THR B 106 10.72 12.75 12.99
CA THR B 106 9.78 11.71 12.61
C THR B 106 8.40 12.29 12.35
N VAL B 107 7.77 11.86 11.28
CA VAL B 107 6.44 12.28 10.91
C VAL B 107 5.44 11.24 11.43
N PHE B 108 4.40 11.69 12.14
CA PHE B 108 3.34 10.82 12.64
C PHE B 108 2.05 11.27 11.98
N ARG B 109 1.38 10.36 11.27
CA ARG B 109 0.11 10.59 10.59
C ARG B 109 -1.00 9.97 11.38
N GLU B 110 -2.01 10.76 11.70
CA GLU B 110 -3.14 10.30 12.50
C GLU B 110 -4.48 10.65 11.87
N ALA B 111 -5.24 9.62 11.49
CA ALA B 111 -6.55 9.83 10.91
C ALA B 111 -7.53 10.08 12.04
N ILE B 112 -8.38 11.10 11.89
CA ILE B 112 -9.37 11.48 12.89
C ILE B 112 -10.58 10.58 12.69
N ILE B 113 -11.00 9.91 13.75
CA ILE B 113 -12.13 9.00 13.69
C ILE B 113 -13.46 9.61 14.17
N CYS B 114 -14.47 9.57 13.30
CA CYS B 114 -15.84 9.92 13.59
C CYS B 114 -16.57 8.62 13.33
N LYS B 115 -17.26 8.08 14.33
CA LYS B 115 -17.92 6.77 14.27
C LYS B 115 -19.01 6.61 13.20
N ASN B 116 -19.66 7.70 12.80
CA ASN B 116 -20.64 7.66 11.73
C ASN B 116 -20.01 7.92 10.34
N ILE B 117 -18.68 8.10 10.25
CA ILE B 117 -17.99 8.36 8.98
C ILE B 117 -17.28 7.07 8.59
N PRO B 118 -17.53 6.53 7.39
CA PRO B 118 -16.93 5.24 7.06
C PRO B 118 -15.40 5.27 6.98
N ARG B 119 -14.76 4.18 7.43
CA ARG B 119 -13.31 4.02 7.40
C ARG B 119 -12.90 3.02 6.31
N LEU B 120 -11.58 2.90 5.98
CA LEU B 120 -11.08 1.93 4.99
C LEU B 120 -11.45 0.52 5.46
N VAL B 121 -11.23 0.24 6.76
CA VAL B 121 -11.59 -1.00 7.42
C VAL B 121 -12.69 -0.62 8.40
N SER B 122 -13.87 -1.24 8.27
CA SER B 122 -15.00 -0.93 9.14
C SER B 122 -14.74 -1.18 10.63
N GLY B 123 -13.90 -2.15 10.95
CA GLY B 123 -13.59 -2.47 12.34
C GLY B 123 -12.78 -1.41 13.08
N TRP B 124 -12.18 -0.46 12.33
CA TRP B 124 -11.39 0.60 12.96
C TRP B 124 -12.28 1.53 13.77
N VAL B 125 -12.13 1.50 15.10
CA VAL B 125 -12.89 2.29 16.09
C VAL B 125 -11.99 3.30 16.83
N LYS B 126 -10.70 2.96 16.96
CA LYS B 126 -9.71 3.83 17.59
C LYS B 126 -8.70 4.22 16.48
N PRO B 127 -8.07 5.42 16.58
CA PRO B 127 -7.14 5.83 15.51
C PRO B 127 -5.83 5.03 15.46
N ILE B 128 -5.22 5.03 14.28
CA ILE B 128 -3.95 4.37 14.02
C ILE B 128 -2.97 5.49 13.68
N ILE B 129 -1.78 5.49 14.31
CA ILE B 129 -0.78 6.52 14.06
C ILE B 129 0.37 5.91 13.33
N ILE B 130 0.69 6.40 12.12
CA ILE B 130 1.80 5.84 11.35
C ILE B 130 3.00 6.76 11.47
N GLY B 131 4.10 6.20 11.90
CA GLY B 131 5.34 6.94 12.04
C GLY B 131 6.42 6.46 11.08
N HIS B 132 7.18 7.40 10.55
CA HIS B 132 8.30 7.10 9.66
C HIS B 132 9.31 8.26 9.76
N HIS B 133 10.60 7.95 9.65
CA HIS B 133 11.63 8.97 9.73
C HIS B 133 11.62 9.79 8.43
N GLN B 138 17.63 5.86 1.01
CA GLN B 138 16.26 6.19 0.66
C GLN B 138 16.34 7.58 0.01
N TYR B 139 16.39 8.67 0.80
CA TYR B 139 16.60 10.02 0.26
C TYR B 139 18.12 10.27 0.01
N ARG B 140 19.01 9.44 0.61
CA ARG B 140 20.42 9.53 0.36
C ARG B 140 20.99 8.18 -0.12
N ALA B 141 20.41 7.65 -1.19
CA ALA B 141 20.90 6.44 -1.82
C ALA B 141 21.79 6.92 -2.98
N THR B 142 22.74 6.09 -3.39
CA THR B 142 23.62 6.43 -4.50
C THR B 142 23.33 5.47 -5.59
N ASP B 143 22.54 5.89 -6.55
CA ASP B 143 22.15 5.06 -7.67
C ASP B 143 22.85 5.53 -8.93
N PHE B 144 23.03 4.60 -9.86
CA PHE B 144 23.70 4.87 -11.12
C PHE B 144 23.34 3.85 -12.16
N VAL B 145 23.64 4.16 -13.41
CA VAL B 145 23.37 3.25 -14.49
C VAL B 145 24.64 2.44 -14.75
N VAL B 146 24.44 1.15 -14.95
CA VAL B 146 25.50 0.20 -15.24
C VAL B 146 25.42 0.07 -16.76
N PRO B 147 26.40 0.63 -17.49
CA PRO B 147 26.36 0.61 -18.98
C PRO B 147 26.42 -0.75 -19.67
N GLY B 148 27.03 -1.73 -19.02
CA GLY B 148 27.17 -3.05 -19.59
C GLY B 148 27.71 -4.06 -18.61
N PRO B 149 28.13 -5.22 -19.13
CA PRO B 149 28.64 -6.28 -18.26
C PRO B 149 29.85 -5.91 -17.41
N GLY B 150 29.86 -6.50 -16.23
CA GLY B 150 30.89 -6.26 -15.24
C GLY B 150 30.32 -6.36 -13.84
N LYS B 151 31.19 -6.39 -12.85
CA LYS B 151 30.76 -6.54 -11.48
C LYS B 151 30.54 -5.27 -10.73
N VAL B 152 29.48 -5.30 -9.95
CA VAL B 152 29.12 -4.21 -9.08
C VAL B 152 29.40 -4.76 -7.69
N GLU B 153 30.31 -4.15 -6.96
CA GLU B 153 30.66 -4.61 -5.61
C GLU B 153 30.52 -3.48 -4.62
N ILE B 154 30.10 -3.79 -3.40
CA ILE B 154 29.98 -2.79 -2.36
C ILE B 154 31.02 -3.16 -1.28
N THR B 155 31.86 -2.19 -0.93
CA THR B 155 32.92 -2.45 0.03
C THR B 155 32.85 -1.55 1.26
N TYR B 156 33.21 -2.10 2.41
CA TYR B 156 33.27 -1.37 3.66
C TYR B 156 34.73 -1.38 4.15
N THR B 157 35.30 -0.18 4.31
CA THR B 157 36.65 -0.04 4.80
C THR B 157 36.60 0.70 6.13
N PRO B 158 36.93 0.03 7.24
CA PRO B 158 36.95 0.73 8.54
C PRO B 158 37.99 1.86 8.59
N SER B 159 37.82 2.79 9.54
CA SER B 159 38.73 3.91 9.74
C SER B 159 40.14 3.42 10.07
N ASP B 160 40.25 2.33 10.86
CA ASP B 160 41.57 1.77 11.19
C ASP B 160 42.20 1.08 9.95
N GLY B 161 41.37 0.39 9.19
CA GLY B 161 41.72 -0.32 7.95
C GLY B 161 41.52 -1.82 8.01
N THR B 162 41.62 -2.38 9.24
CA THR B 162 41.57 -3.79 9.66
C THR B 162 40.46 -4.74 9.07
N GLN B 163 39.15 -4.55 9.36
CA GLN B 163 38.13 -5.48 8.89
C GLN B 163 37.43 -5.01 7.64
N LYS B 164 38.19 -4.94 6.55
CA LYS B 164 37.68 -4.53 5.28
C LYS B 164 36.92 -5.72 4.62
N VAL B 165 35.74 -5.45 4.04
CA VAL B 165 34.95 -6.47 3.38
C VAL B 165 34.47 -5.95 2.02
N THR B 166 34.46 -6.82 1.03
CA THR B 166 33.95 -6.51 -0.30
C THR B 166 32.88 -7.55 -0.62
N TYR B 167 31.69 -7.08 -0.92
CA TYR B 167 30.56 -7.94 -1.24
C TYR B 167 30.21 -7.81 -2.68
N LEU B 168 29.98 -8.95 -3.38
CA LEU B 168 29.55 -8.88 -4.77
C LEU B 168 28.04 -8.56 -4.75
N VAL B 169 27.64 -7.47 -5.40
CA VAL B 169 26.23 -7.09 -5.49
C VAL B 169 25.66 -7.87 -6.68
N HIS B 170 26.33 -7.82 -7.83
CA HIS B 170 25.93 -8.55 -9.00
C HIS B 170 27.00 -8.48 -10.06
N ASN B 171 27.13 -9.57 -10.82
CA ASN B 171 28.05 -9.61 -11.94
C ASN B 171 27.13 -9.52 -13.15
N PHE B 172 27.04 -8.33 -13.79
CA PHE B 172 26.21 -8.16 -14.98
C PHE B 172 26.88 -8.95 -16.11
N GLU B 173 26.12 -9.79 -16.81
CA GLU B 173 26.74 -10.61 -17.87
C GLU B 173 26.09 -10.47 -19.25
N GLU B 174 24.76 -10.47 -19.30
CA GLU B 174 24.06 -10.37 -20.58
C GLU B 174 24.02 -8.95 -21.12
N GLY B 175 23.92 -7.98 -20.23
CA GLY B 175 23.87 -6.58 -20.57
C GLY B 175 24.14 -5.72 -19.35
N GLY B 176 23.57 -4.51 -19.37
CA GLY B 176 23.71 -3.56 -18.28
C GLY B 176 22.43 -3.47 -17.49
N GLY B 177 22.29 -2.36 -16.77
CA GLY B 177 21.10 -2.12 -15.96
C GLY B 177 21.33 -0.94 -15.03
N VAL B 178 20.97 -1.11 -13.78
CA VAL B 178 21.14 -0.11 -12.74
C VAL B 178 21.57 -0.76 -11.43
N ALA B 179 22.23 0.03 -10.60
CA ALA B 179 22.69 -0.41 -9.29
C ALA B 179 22.64 0.78 -8.31
N MET B 180 22.62 0.47 -7.01
CA MET B 180 22.57 1.51 -6.00
C MET B 180 23.01 1.04 -4.63
N GLY B 181 23.61 1.95 -3.91
CA GLY B 181 24.06 1.74 -2.54
C GLY B 181 23.20 2.56 -1.60
N MET B 182 22.74 1.96 -0.53
CA MET B 182 21.90 2.62 0.47
C MET B 182 22.49 2.43 1.85
N TYR B 183 22.22 3.34 2.77
CA TYR B 183 22.74 3.21 4.14
C TYR B 183 21.78 3.75 5.18
N ASN B 184 22.00 3.37 6.44
CA ASN B 184 21.24 3.91 7.52
C ASN B 184 22.16 4.01 8.73
N GLN B 185 22.32 5.22 9.29
CA GLN B 185 23.16 5.41 10.45
C GLN B 185 22.44 4.99 11.74
N ASP B 186 23.17 4.40 12.69
CA ASP B 186 22.64 3.95 13.97
C ASP B 186 21.84 5.06 14.68
N LYS B 187 22.41 6.28 14.74
CA LYS B 187 21.83 7.47 15.35
C LYS B 187 20.44 7.79 14.81
N SER B 188 20.22 7.60 13.49
CA SER B 188 18.93 7.85 12.86
C SER B 188 17.91 6.81 13.32
N ILE B 189 18.33 5.53 13.39
CA ILE B 189 17.45 4.45 13.84
C ILE B 189 17.05 4.71 15.31
N GLU B 190 18.04 5.08 16.16
CA GLU B 190 17.80 5.35 17.59
C GLU B 190 16.86 6.55 17.80
N ASP B 191 17.01 7.63 17.01
CA ASP B 191 16.12 8.80 17.11
C ASP B 191 14.66 8.38 16.76
N PHE B 192 14.51 7.58 15.70
CA PHE B 192 13.22 7.09 15.26
C PHE B 192 12.61 6.19 16.32
N ALA B 193 13.42 5.32 16.92
CA ALA B 193 12.95 4.45 17.99
C ALA B 193 12.46 5.26 19.18
N HIS B 194 13.25 6.26 19.65
CA HIS B 194 12.87 7.07 20.78
C HIS B 194 11.60 7.83 20.52
N SER B 195 11.50 8.44 19.33
CA SER B 195 10.30 9.19 18.96
C SER B 195 9.07 8.27 18.94
N SER B 196 9.24 7.05 18.46
CA SER B 196 8.15 6.06 18.42
C SER B 196 7.72 5.60 19.81
N PHE B 197 8.68 5.29 20.72
CA PHE B 197 8.34 4.85 22.07
C PHE B 197 7.68 5.99 22.83
N GLN B 198 8.19 7.22 22.68
CA GLN B 198 7.64 8.39 23.35
C GLN B 198 6.23 8.71 22.87
N MET B 199 5.99 8.57 21.57
CA MET B 199 4.69 8.82 20.98
C MET B 199 3.68 7.80 21.52
N ALA B 200 4.09 6.52 21.62
CA ALA B 200 3.27 5.44 22.15
C ALA B 200 2.87 5.70 23.61
N LEU B 201 3.80 6.21 24.44
CA LEU B 201 3.53 6.52 25.86
C LEU B 201 2.69 7.81 26.00
N SER B 202 2.88 8.76 25.09
CA SER B 202 2.12 10.01 25.12
C SER B 202 0.63 9.76 24.83
N LYS B 203 0.33 8.92 23.83
CA LYS B 203 -1.04 8.60 23.44
C LYS B 203 -1.64 7.41 24.22
N GLY B 204 -0.80 6.62 24.87
CA GLY B 204 -1.25 5.47 25.65
C GLY B 204 -1.71 4.32 24.78
N TRP B 205 -0.93 4.00 23.73
CA TRP B 205 -1.26 2.91 22.81
C TRP B 205 -0.05 2.03 22.53
N PRO B 206 -0.26 0.73 22.26
CA PRO B 206 0.88 -0.13 21.91
C PRO B 206 1.59 0.31 20.62
N LEU B 207 2.88 0.00 20.51
CA LEU B 207 3.71 0.35 19.36
C LEU B 207 4.11 -0.93 18.62
N TYR B 208 4.10 -0.90 17.30
CA TYR B 208 4.47 -2.03 16.46
C TYR B 208 5.44 -1.53 15.42
N LEU B 209 6.59 -2.19 15.24
CA LEU B 209 7.53 -1.81 14.18
C LEU B 209 7.38 -2.87 13.10
N SER B 210 7.20 -2.45 11.85
CA SER B 210 7.05 -3.36 10.72
C SER B 210 8.38 -3.38 9.99
N THR B 211 8.86 -4.57 9.68
CA THR B 211 10.15 -4.76 9.02
C THR B 211 10.05 -5.96 8.03
N LYS B 212 11.11 -6.19 7.25
CA LYS B 212 11.23 -7.31 6.30
C LYS B 212 12.56 -8.01 6.62
N ASN B 213 12.82 -8.27 7.90
CA ASN B 213 14.06 -8.85 8.40
C ASN B 213 14.27 -10.31 7.99
N THR B 214 13.23 -10.99 7.49
CA THR B 214 13.40 -12.37 7.02
C THR B 214 14.11 -12.33 5.64
N ILE B 215 13.97 -11.21 4.88
CA ILE B 215 14.58 -10.99 3.59
C ILE B 215 15.88 -10.15 3.78
N LEU B 216 15.79 -8.98 4.46
CA LEU B 216 16.97 -8.15 4.74
C LEU B 216 17.36 -8.42 6.19
N LYS B 217 18.00 -9.58 6.43
CA LYS B 217 18.44 -10.07 7.75
C LYS B 217 19.41 -9.14 8.45
N LYS B 218 20.25 -8.43 7.69
CA LYS B 218 21.21 -7.52 8.29
C LYS B 218 20.65 -6.12 8.46
N TYR B 219 20.21 -5.52 7.35
CA TYR B 219 19.67 -4.17 7.31
C TYR B 219 18.45 -3.98 8.22
N ASP B 220 17.35 -4.73 7.98
CA ASP B 220 16.16 -4.63 8.84
C ASP B 220 16.43 -5.24 10.22
N GLY B 221 17.28 -6.27 10.29
CA GLY B 221 17.66 -6.88 11.56
C GLY B 221 18.21 -5.87 12.57
N ARG B 222 18.93 -4.85 12.09
CA ARG B 222 19.50 -3.80 12.95
C ARG B 222 18.40 -2.90 13.50
N PHE B 223 17.39 -2.59 12.69
CA PHE B 223 16.26 -1.76 13.14
C PHE B 223 15.52 -2.46 14.28
N LYS B 224 15.16 -3.74 14.06
CA LYS B 224 14.49 -4.60 15.03
C LYS B 224 15.27 -4.67 16.33
N ASP B 225 16.59 -4.95 16.25
CA ASP B 225 17.44 -5.05 17.44
C ASP B 225 17.58 -3.73 18.15
N ILE B 226 17.73 -2.63 17.43
CA ILE B 226 17.86 -1.33 18.07
C ILE B 226 16.55 -0.96 18.81
N PHE B 227 15.37 -1.21 18.19
CA PHE B 227 14.10 -0.91 18.86
C PHE B 227 13.95 -1.81 20.11
N GLN B 228 14.21 -3.13 19.97
CA GLN B 228 14.15 -4.06 21.10
C GLN B 228 15.07 -3.69 22.26
N GLU B 229 16.32 -3.26 21.95
CA GLU B 229 17.29 -2.86 22.96
C GLU B 229 16.80 -1.60 23.65
N ILE B 230 16.42 -0.56 22.89
CA ILE B 230 15.95 0.70 23.47
C ILE B 230 14.71 0.49 24.36
N TYR B 231 13.85 -0.46 23.98
CA TYR B 231 12.63 -0.78 24.71
C TYR B 231 12.99 -1.42 26.08
N ASP B 232 13.75 -2.52 26.05
CA ASP B 232 14.19 -3.23 27.25
C ASP B 232 15.05 -2.35 28.17
N LYS B 233 15.82 -1.43 27.60
CA LYS B 233 16.67 -0.55 28.39
C LYS B 233 16.01 0.65 29.01
N GLN B 234 15.03 1.30 28.32
CA GLN B 234 14.46 2.51 28.91
C GLN B 234 12.97 2.77 28.75
N TYR B 235 12.17 1.82 28.24
CA TYR B 235 10.73 2.11 28.07
C TYR B 235 9.78 1.02 28.57
N LYS B 236 10.20 -0.25 28.61
CA LYS B 236 9.36 -1.36 29.06
C LYS B 236 8.74 -1.13 30.45
N SER B 237 9.43 -0.42 31.36
CA SER B 237 8.89 -0.14 32.69
C SER B 237 7.74 0.88 32.64
N GLN B 238 7.78 1.82 31.70
CA GLN B 238 6.72 2.81 31.55
C GLN B 238 5.53 2.24 30.76
N PHE B 239 5.83 1.35 29.78
CA PHE B 239 4.87 0.65 28.93
C PHE B 239 4.08 -0.36 29.78
N GLU B 240 4.76 -1.04 30.71
CA GLU B 240 4.12 -1.99 31.63
C GLU B 240 3.20 -1.26 32.62
N ALA B 241 3.60 -0.04 33.04
CA ALA B 241 2.86 0.82 33.96
C ALA B 241 1.55 1.30 33.33
N GLN B 242 1.59 1.73 32.05
CA GLN B 242 0.39 2.18 31.33
C GLN B 242 -0.35 1.05 30.61
N LYS B 243 0.07 -0.22 30.80
CA LYS B 243 -0.48 -1.43 30.21
C LYS B 243 -0.58 -1.40 28.67
N ILE B 244 0.55 -1.11 28.03
CA ILE B 244 0.77 -1.07 26.58
C ILE B 244 1.99 -1.96 26.24
N TRP B 245 2.30 -2.19 24.95
CA TRP B 245 3.41 -3.05 24.59
C TRP B 245 4.10 -2.72 23.27
N TYR B 246 5.34 -3.23 23.08
CA TYR B 246 6.06 -3.07 21.84
C TYR B 246 6.26 -4.46 21.25
N GLU B 247 5.93 -4.65 19.96
CA GLU B 247 6.11 -5.94 19.29
C GLU B 247 6.53 -5.74 17.84
N HIS B 248 7.40 -6.60 17.31
CA HIS B 248 7.83 -6.50 15.92
C HIS B 248 6.89 -7.36 15.09
N ARG B 249 6.59 -6.91 13.87
CA ARG B 249 5.74 -7.66 12.97
C ARG B 249 6.33 -7.61 11.57
N LEU B 250 6.15 -8.68 10.80
CA LEU B 250 6.61 -8.71 9.42
C LEU B 250 5.61 -7.82 8.66
N ILE B 251 6.04 -6.98 7.72
CA ILE B 251 5.13 -6.07 7.03
C ILE B 251 3.81 -6.77 6.50
N ASP B 252 3.91 -7.99 5.94
CA ASP B 252 2.75 -8.76 5.42
C ASP B 252 1.82 -9.21 6.57
N ASP B 253 2.41 -9.52 7.72
CA ASP B 253 1.73 -9.94 8.94
C ASP B 253 1.01 -8.71 9.53
N MET B 254 1.71 -7.57 9.60
CA MET B 254 1.22 -6.33 10.14
C MET B 254 0.03 -5.80 9.35
N VAL B 255 0.08 -5.93 8.01
CA VAL B 255 -1.03 -5.51 7.16
C VAL B 255 -2.27 -6.36 7.47
N ALA B 256 -2.09 -7.69 7.60
CA ALA B 256 -3.20 -8.62 7.92
C ALA B 256 -3.77 -8.37 9.32
N GLN B 257 -2.90 -8.01 10.26
CA GLN B 257 -3.31 -7.73 11.62
C GLN B 257 -4.07 -6.42 11.69
N ALA B 258 -3.68 -5.41 10.87
CA ALA B 258 -4.37 -4.12 10.82
C ALA B 258 -5.78 -4.29 10.17
N MET B 259 -5.91 -5.24 9.26
CA MET B 259 -7.15 -5.57 8.57
C MET B 259 -8.17 -6.16 9.57
N LYS B 260 -7.69 -6.95 10.55
CA LYS B 260 -8.56 -7.55 11.58
C LYS B 260 -8.54 -6.79 12.90
N SER B 261 -7.91 -5.62 12.94
CA SER B 261 -7.76 -4.79 14.12
C SER B 261 -8.88 -3.79 14.32
N GLU B 262 -9.01 -3.31 15.55
CA GLU B 262 -9.95 -2.25 15.86
C GLU B 262 -9.25 -0.88 16.01
N GLY B 263 -7.94 -0.81 15.70
CA GLY B 263 -7.12 0.39 15.80
C GLY B 263 -6.56 0.58 17.20
N GLY B 264 -6.11 1.79 17.50
CA GLY B 264 -5.56 2.15 18.80
C GLY B 264 -4.12 1.75 18.98
N PHE B 265 -3.26 2.11 18.00
CA PHE B 265 -1.84 1.77 18.06
C PHE B 265 -0.98 2.68 17.20
N ILE B 266 0.33 2.64 17.42
CA ILE B 266 1.35 3.36 16.66
C ILE B 266 2.04 2.29 15.80
N TRP B 267 2.15 2.55 14.51
CA TRP B 267 2.76 1.67 13.55
C TRP B 267 4.00 2.39 13.00
N ALA B 268 5.19 1.93 13.38
CA ALA B 268 6.44 2.49 12.90
C ALA B 268 6.87 1.73 11.63
N CYS B 269 7.15 2.46 10.53
CA CYS B 269 7.59 1.87 9.26
C CYS B 269 8.99 2.28 8.96
N LYS B 270 9.72 1.37 8.32
CA LYS B 270 11.06 1.62 7.86
C LYS B 270 10.84 2.33 6.53
N ASN B 271 10.81 3.68 6.54
CA ASN B 271 10.60 4.52 5.35
C ASN B 271 11.53 5.75 5.39
N SER B 287 -13.11 12.92 3.89
CA SER B 287 -12.28 11.85 4.45
C SER B 287 -10.80 12.17 4.31
N LEU B 288 -10.40 12.80 3.20
CA LEU B 288 -9.01 13.23 3.03
C LEU B 288 -8.73 14.38 4.06
N GLY B 289 -9.77 15.17 4.39
CA GLY B 289 -9.72 16.25 5.36
C GLY B 289 -9.88 15.78 6.81
N MET B 290 -9.60 14.47 7.06
CA MET B 290 -9.69 13.85 8.37
C MET B 290 -8.33 13.26 8.78
N MET B 291 -7.21 13.90 8.40
CA MET B 291 -5.90 13.37 8.77
C MET B 291 -4.85 14.43 8.99
N THR B 292 -4.11 14.33 10.11
CA THR B 292 -3.03 15.26 10.42
C THR B 292 -1.65 14.64 10.23
N SER B 293 -0.65 15.48 10.08
CA SER B 293 0.71 15.08 9.93
C SER B 293 1.47 15.98 10.91
N VAL B 294 2.20 15.37 11.85
CA VAL B 294 2.97 16.11 12.82
C VAL B 294 4.43 15.66 12.73
N LEU B 295 5.34 16.61 12.60
CA LEU B 295 6.76 16.33 12.56
C LEU B 295 7.25 16.53 13.98
N VAL B 296 7.88 15.50 14.54
CA VAL B 296 8.41 15.54 15.90
C VAL B 296 9.94 15.52 15.75
N CYS B 297 10.60 16.64 16.08
CA CYS B 297 12.04 16.83 15.96
C CYS B 297 12.84 16.02 16.98
N PRO B 298 14.11 15.67 16.62
CA PRO B 298 14.93 14.82 17.51
C PRO B 298 15.18 15.37 18.93
N ASP B 299 15.18 16.69 19.11
CA ASP B 299 15.37 17.31 20.43
C ASP B 299 14.25 17.02 21.46
N GLY B 300 13.14 16.45 21.01
CA GLY B 300 11.99 16.18 21.87
C GLY B 300 11.23 17.45 22.31
N LYS B 301 11.56 18.60 21.73
CA LYS B 301 10.93 19.85 22.09
C LYS B 301 10.20 20.54 20.94
N THR B 302 10.63 20.32 19.71
CA THR B 302 10.09 21.02 18.55
C THR B 302 9.09 20.19 17.76
N VAL B 303 7.94 20.77 17.45
CA VAL B 303 6.90 20.07 16.72
C VAL B 303 6.30 20.98 15.63
N GLU B 304 5.93 20.40 14.48
CA GLU B 304 5.26 21.14 13.42
C GLU B 304 4.04 20.31 13.00
N ALA B 305 2.83 20.86 13.14
CA ALA B 305 1.60 20.15 12.79
C ALA B 305 0.92 20.76 11.57
N GLU B 306 0.44 19.92 10.67
CA GLU B 306 -0.28 20.39 9.48
C GLU B 306 -1.37 19.41 9.09
N ALA B 307 -2.30 19.85 8.24
CA ALA B 307 -3.35 18.99 7.73
C ALA B 307 -2.68 18.13 6.65
N ALA B 308 -2.91 16.82 6.66
CA ALA B 308 -2.31 15.93 5.67
C ALA B 308 -3.22 15.86 4.40
N HIS B 309 -3.48 17.00 3.75
CA HIS B 309 -4.28 17.11 2.50
C HIS B 309 -3.84 18.34 1.68
N GLY B 310 -4.39 18.51 0.48
CA GLY B 310 -4.01 19.64 -0.36
C GLY B 310 -4.80 20.91 -0.07
N THR B 311 -4.76 21.88 -1.00
CA THR B 311 -5.42 23.18 -0.87
C THR B 311 -6.88 23.22 -1.35
N VAL B 312 -7.43 22.08 -1.79
CA VAL B 312 -8.83 21.92 -2.22
C VAL B 312 -9.18 22.88 -3.37
N THR B 313 -8.38 22.85 -4.44
CA THR B 313 -8.56 23.72 -5.60
C THR B 313 -9.97 23.77 -6.15
N ARG B 314 -10.66 22.62 -6.30
CA ARG B 314 -12.02 22.58 -6.83
C ARG B 314 -12.97 23.51 -6.05
N HIS B 315 -12.94 23.42 -4.71
CA HIS B 315 -13.76 24.26 -3.86
C HIS B 315 -13.37 25.73 -3.96
N TYR B 316 -12.09 26.01 -4.15
CA TYR B 316 -11.61 27.38 -4.27
C TYR B 316 -12.15 28.03 -5.57
N ARG B 317 -12.23 27.28 -6.67
CA ARG B 317 -12.79 27.78 -7.92
C ARG B 317 -14.28 28.11 -7.74
N MET B 318 -14.99 27.29 -6.97
CA MET B 318 -16.39 27.54 -6.66
C MET B 318 -16.51 28.83 -5.85
N TYR B 319 -15.60 29.05 -4.89
CA TYR B 319 -15.54 30.24 -4.05
C TYR B 319 -15.26 31.49 -4.90
N GLN B 320 -14.33 31.39 -5.87
CA GLN B 320 -14.02 32.50 -6.77
C GLN B 320 -15.22 32.88 -7.67
N LYS B 321 -16.16 31.94 -7.89
CA LYS B 321 -17.35 32.18 -8.71
C LYS B 321 -18.59 32.52 -7.88
N GLY B 322 -18.42 32.82 -6.59
CA GLY B 322 -19.53 33.16 -5.73
C GLY B 322 -20.42 32.00 -5.34
N GLN B 323 -20.04 30.75 -5.69
CA GLN B 323 -20.84 29.58 -5.35
C GLN B 323 -20.61 29.16 -3.92
N GLU B 324 -21.62 28.58 -3.31
CA GLU B 324 -21.58 28.09 -1.94
C GLU B 324 -20.62 26.89 -1.83
N THR B 325 -19.75 26.88 -0.81
CA THR B 325 -18.81 25.76 -0.62
C THR B 325 -19.07 25.04 0.69
N SER B 326 -18.63 23.80 0.76
CA SER B 326 -18.78 22.99 1.96
C SER B 326 -17.49 22.18 2.05
N THR B 327 -16.51 22.75 2.75
CA THR B 327 -15.17 22.17 2.88
C THR B 327 -14.88 21.70 4.31
N ASN B 328 -14.58 20.41 4.48
CA ASN B 328 -14.27 19.82 5.78
C ASN B 328 -13.01 20.45 6.41
N PRO B 329 -13.17 21.19 7.51
CA PRO B 329 -12.01 21.85 8.13
C PRO B 329 -11.35 21.04 9.24
N ILE B 330 -11.77 19.80 9.52
CA ILE B 330 -11.26 19.01 10.65
C ILE B 330 -9.74 18.88 10.73
N ALA B 331 -9.09 18.49 9.62
CA ALA B 331 -7.65 18.32 9.56
C ALA B 331 -6.94 19.61 9.90
N SER B 332 -7.46 20.76 9.45
CA SER B 332 -6.82 22.05 9.75
C SER B 332 -7.06 22.45 11.19
N ILE B 333 -8.19 22.09 11.77
CA ILE B 333 -8.47 22.36 13.17
C ILE B 333 -7.53 21.50 14.02
N PHE B 334 -7.37 20.23 13.67
CA PHE B 334 -6.50 19.32 14.44
C PHE B 334 -5.02 19.67 14.32
N ALA B 335 -4.62 20.43 13.29
CA ALA B 335 -3.25 20.93 13.19
C ALA B 335 -3.11 22.00 14.31
N TRP B 336 -4.12 22.87 14.49
CA TRP B 336 -4.13 23.87 15.53
C TRP B 336 -4.17 23.23 16.92
N THR B 337 -5.05 22.25 17.13
CA THR B 337 -5.17 21.59 18.43
C THR B 337 -3.92 20.81 18.77
N ARG B 338 -3.30 20.14 17.78
CA ARG B 338 -2.06 19.41 18.07
C ARG B 338 -0.93 20.31 18.42
N GLY B 339 -0.86 21.46 17.77
CA GLY B 339 0.17 22.45 18.05
C GLY B 339 -0.05 23.08 19.40
N LEU B 340 -1.30 23.46 19.72
CA LEU B 340 -1.62 24.07 21.01
C LEU B 340 -1.44 23.07 22.17
N ALA B 341 -1.67 21.78 21.93
CA ALA B 341 -1.50 20.75 22.95
C ALA B 341 -0.01 20.64 23.31
N HIS B 342 0.88 20.69 22.29
CA HIS B 342 2.31 20.61 22.54
C HIS B 342 2.79 21.91 23.21
N ARG B 343 2.33 23.08 22.73
CA ARG B 343 2.66 24.36 23.33
C ARG B 343 2.33 24.39 24.83
N ALA B 344 1.21 23.76 25.21
CA ALA B 344 0.73 23.66 26.60
C ALA B 344 1.57 22.69 27.40
N LYS B 345 2.10 21.65 26.78
CA LYS B 345 2.93 20.67 27.45
C LYS B 345 4.33 21.27 27.72
N LEU B 346 4.85 22.08 26.79
CA LEU B 346 6.17 22.72 26.97
C LEU B 346 6.11 23.76 28.07
N ASP B 347 5.02 24.54 28.11
CA ASP B 347 4.82 25.62 29.06
C ASP B 347 4.10 25.23 30.36
N ASN B 348 3.59 24.00 30.46
CA ASN B 348 2.84 23.53 31.63
C ASN B 348 1.54 24.35 31.81
N ASN B 349 0.87 24.65 30.69
CA ASN B 349 -0.35 25.46 30.65
C ASN B 349 -1.59 24.53 30.67
N LYS B 350 -2.24 24.38 31.83
CA LYS B 350 -3.43 23.53 31.95
C LYS B 350 -4.65 24.10 31.19
N GLU B 351 -4.83 25.42 31.20
CA GLU B 351 -5.94 26.09 30.52
C GLU B 351 -5.88 25.88 29.00
N LEU B 352 -4.65 25.96 28.45
CA LEU B 352 -4.42 25.76 27.02
C LEU B 352 -4.58 24.28 26.69
N ALA B 353 -4.04 23.40 27.54
CA ALA B 353 -4.16 21.96 27.35
C ALA B 353 -5.61 21.53 27.31
N PHE B 354 -6.46 22.18 28.13
CA PHE B 354 -7.88 21.92 28.19
C PHE B 354 -8.57 22.44 26.94
N PHE B 355 -8.28 23.68 26.52
CA PHE B 355 -8.86 24.28 25.32
C PHE B 355 -8.58 23.42 24.08
N ALA B 356 -7.32 22.95 23.91
CA ALA B 356 -6.94 22.14 22.76
C ALA B 356 -7.73 20.85 22.72
N ASN B 357 -7.86 20.17 23.86
CA ASN B 357 -8.63 18.92 23.91
C ASN B 357 -10.14 19.18 23.71
N ALA B 358 -10.64 20.27 24.24
CA ALA B 358 -12.05 20.63 24.11
C ALA B 358 -12.44 20.90 22.65
N LEU B 359 -11.55 21.55 21.86
CA LEU B 359 -11.84 21.81 20.46
C LEU B 359 -11.86 20.52 19.65
N GLU B 360 -11.03 19.53 20.01
CA GLU B 360 -11.02 18.26 19.31
C GLU B 360 -12.30 17.51 19.57
N GLU B 361 -12.75 17.51 20.84
CA GLU B 361 -13.97 16.83 21.27
C GLU B 361 -15.17 17.45 20.59
N VAL B 362 -15.26 18.77 20.55
CA VAL B 362 -16.35 19.50 19.91
C VAL B 362 -16.39 19.16 18.41
N SER B 363 -15.23 19.10 17.75
CA SER B 363 -15.16 18.79 16.33
C SER B 363 -15.73 17.39 16.03
N ILE B 364 -15.33 16.39 16.83
CA ILE B 364 -15.84 15.04 16.67
C ILE B 364 -17.32 14.95 17.08
N GLU B 365 -17.71 15.59 18.19
CA GLU B 365 -19.10 15.56 18.64
C GLU B 365 -20.09 16.18 17.66
N THR B 366 -19.69 17.22 16.99
CA THR B 366 -20.53 17.91 16.01
C THR B 366 -20.79 17.01 14.82
N ILE B 367 -19.75 16.38 14.27
CA ILE B 367 -19.93 15.47 13.12
C ILE B 367 -20.72 14.25 13.52
N GLU B 368 -20.42 13.65 14.71
CA GLU B 368 -21.11 12.44 15.20
C GLU B 368 -22.59 12.68 15.50
N ALA B 369 -22.95 13.92 15.85
CA ALA B 369 -24.33 14.32 16.09
C ALA B 369 -25.10 14.58 14.77
N GLY B 370 -24.46 14.38 13.60
CA GLY B 370 -25.10 14.57 12.31
C GLY B 370 -24.86 15.91 11.66
N PHE B 371 -24.00 16.77 12.24
CA PHE B 371 -23.71 18.08 11.63
C PHE B 371 -22.35 18.01 10.94
N MET B 372 -22.33 18.02 9.61
CA MET B 372 -21.10 17.89 8.85
C MET B 372 -21.20 18.60 7.50
N THR B 373 -20.07 18.67 6.79
CA THR B 373 -19.93 19.27 5.47
C THR B 373 -20.33 18.26 4.36
N LYS B 374 -20.62 18.75 3.16
CA LYS B 374 -21.07 17.97 2.02
C LYS B 374 -20.22 16.75 1.70
N ASP B 375 -18.90 16.86 1.74
CA ASP B 375 -18.02 15.75 1.45
C ASP B 375 -18.23 14.60 2.45
N LEU B 376 -18.44 14.90 3.74
CA LEU B 376 -18.69 13.84 4.73
C LEU B 376 -20.08 13.26 4.49
N ALA B 377 -21.09 14.11 4.20
CA ALA B 377 -22.44 13.60 3.88
C ALA B 377 -22.40 12.68 2.64
N ALA B 378 -21.56 13.00 1.64
CA ALA B 378 -21.39 12.16 0.44
C ALA B 378 -20.75 10.81 0.78
N CYS B 379 -19.83 10.75 1.77
CA CYS B 379 -19.22 9.48 2.20
C CYS B 379 -20.29 8.54 2.73
N ILE B 380 -21.25 9.09 3.48
CA ILE B 380 -22.32 8.34 4.08
C ILE B 380 -23.38 7.90 3.04
N LYS B 381 -23.96 8.86 2.30
CA LYS B 381 -25.06 8.58 1.40
C LYS B 381 -24.72 8.29 -0.05
N GLY B 382 -23.58 8.77 -0.52
CA GLY B 382 -23.23 8.66 -1.92
C GLY B 382 -23.61 10.00 -2.51
N LEU B 383 -22.68 10.64 -3.22
CA LEU B 383 -22.88 11.96 -3.82
C LEU B 383 -24.26 12.17 -4.52
N PRO B 384 -24.75 11.23 -5.38
CA PRO B 384 -26.06 11.47 -6.04
C PRO B 384 -27.24 11.50 -5.08
N ASN B 385 -27.10 10.96 -3.86
CA ASN B 385 -28.19 10.93 -2.87
C ASN B 385 -28.18 12.12 -1.88
N VAL B 386 -27.17 12.97 -1.93
CA VAL B 386 -27.05 14.10 -1.01
C VAL B 386 -27.97 15.25 -1.33
N GLN B 387 -28.79 15.63 -0.35
CA GLN B 387 -29.71 16.77 -0.45
C GLN B 387 -29.09 17.94 0.33
N ARG B 388 -29.56 19.18 0.07
CA ARG B 388 -29.04 20.36 0.76
C ARG B 388 -29.22 20.28 2.27
N SER B 389 -30.29 19.65 2.72
CA SER B 389 -30.57 19.51 4.15
C SER B 389 -29.62 18.55 4.88
N ASP B 390 -28.88 17.71 4.14
CA ASP B 390 -27.98 16.74 4.75
C ASP B 390 -26.65 17.32 5.22
N TYR B 391 -26.34 18.59 4.90
CA TYR B 391 -25.06 19.17 5.27
C TYR B 391 -25.09 20.64 5.54
N LEU B 392 -24.01 21.15 6.17
CA LEU B 392 -23.81 22.57 6.45
C LEU B 392 -22.72 23.08 5.50
N ASN B 393 -22.86 24.34 5.04
CA ASN B 393 -21.84 24.93 4.19
C ASN B 393 -20.60 25.25 5.10
N THR B 394 -19.45 25.62 4.51
CA THR B 394 -18.24 25.89 5.30
C THR B 394 -18.47 26.83 6.49
N PHE B 395 -19.16 27.97 6.24
CA PHE B 395 -19.46 28.95 7.27
C PHE B 395 -20.43 28.43 8.30
N GLU B 396 -21.45 27.71 7.87
CA GLU B 396 -22.45 27.14 8.79
C GLU B 396 -21.81 26.08 9.69
N PHE B 397 -20.90 25.28 9.14
CA PHE B 397 -20.23 24.26 9.92
C PHE B 397 -19.27 24.94 10.93
N MET B 398 -18.54 25.96 10.47
CA MET B 398 -17.64 26.70 11.34
C MET B 398 -18.43 27.38 12.49
N ASP B 399 -19.63 27.92 12.19
CA ASP B 399 -20.47 28.57 13.20
C ASP B 399 -21.09 27.53 14.14
N LYS B 400 -21.43 26.34 13.62
CA LYS B 400 -21.96 25.27 14.45
C LYS B 400 -20.90 24.83 15.45
N LEU B 401 -19.65 24.67 14.98
CA LEU B 401 -18.52 24.32 15.84
C LEU B 401 -18.31 25.44 16.89
N GLY B 402 -18.36 26.68 16.46
CA GLY B 402 -18.18 27.82 17.37
C GLY B 402 -19.23 27.89 18.46
N GLU B 403 -20.48 27.52 18.14
CA GLU B 403 -21.55 27.52 19.14
C GLU B 403 -21.33 26.37 20.16
N ASN B 404 -20.97 25.17 19.67
CA ASN B 404 -20.70 24.02 20.52
C ASN B 404 -19.46 24.20 21.40
N LEU B 405 -18.44 24.94 20.90
CA LEU B 405 -17.20 25.24 21.61
C LEU B 405 -17.47 26.23 22.74
N LYS B 406 -18.32 27.23 22.48
CA LYS B 406 -18.72 28.23 23.46
C LYS B 406 -19.41 27.53 24.63
N ILE B 407 -20.29 26.55 24.32
CA ILE B 407 -21.01 25.77 25.33
C ILE B 407 -20.04 24.89 26.12
N LYS B 408 -19.21 24.09 25.43
CA LYS B 408 -18.25 23.21 26.09
C LYS B 408 -17.32 23.97 27.07
N LEU B 409 -16.80 25.12 26.64
CA LEU B 409 -15.91 25.92 27.50
C LEU B 409 -16.65 26.59 28.66
N ALA B 410 -17.93 26.98 28.47
CA ALA B 410 -18.75 27.60 29.50
C ALA B 410 -19.05 26.59 30.61
N GLN B 411 -19.36 25.35 30.23
CA GLN B 411 -19.65 24.29 31.19
C GLN B 411 -18.40 23.76 31.91
N ALA B 412 -17.21 24.30 31.61
CA ALA B 412 -15.96 23.90 32.23
C ALA B 412 -15.61 24.86 33.39
N LYS B 413 -15.91 26.15 33.22
CA LYS B 413 -15.68 27.19 34.22
C LYS B 413 -16.77 27.21 35.29
#